data_3C8W
#
_entry.id   3C8W
#
_cell.length_a   104.100
_cell.length_b   104.100
_cell.length_c   189.640
_cell.angle_alpha   90.000
_cell.angle_beta   90.000
_cell.angle_gamma   120.000
#
_symmetry.space_group_name_H-M   'P 63'
#
loop_
_entity.id
_entity.type
_entity.pdbx_description
1 polymer 'Acetoacetate decarboxylase ADC'
2 non-polymer 'CITRIC ACID'
3 water water
#
_entity_poly.entity_id   1
_entity_poly.type   'polypeptide(L)'
_entity_poly.pdbx_seq_one_letter_code
;G(MSE)DKYLSANSLEGVIDNEFS(MSE)PAPRWLNTYPAGPYRFINREFFIIAYETDPDLLQAILPPD(MSE)ELLEPV
VKFEFIR(MSE)PDSTGFGDYTESGQVVPVRYKGEEGGFTIS(MSE)FLDCHAPIAGGREIWGFP(LCK)KLAKPKLFVE
EDTLIGILKYGSIDIAIAT(MSE)GYKHRPLDAEKVLESVKKPVFLLKNIPNVDGTPLVNQLTKTYLTDITVKGAWTGPG
SLELHPHALAPISNLYIKKIVSVSHFITDLTLPYGKVVADYLA
;
_entity_poly.pdbx_strand_id   A,B,C,D
#
# COMPACT_ATOMS: atom_id res chain seq x y z
N LEU A 6 -23.64 14.84 7.26
CA LEU A 6 -24.14 13.95 6.17
C LEU A 6 -23.04 13.40 5.24
N SER A 7 -23.53 12.79 4.15
CA SER A 7 -22.67 11.96 3.32
C SER A 7 -23.24 11.57 1.95
N ALA A 8 -22.49 10.71 1.28
CA ALA A 8 -22.86 10.27 -0.07
C ALA A 8 -21.88 9.33 -0.68
N ASN A 9 -22.37 8.60 -1.68
N ASN A 9 -22.39 8.51 -1.61
CA ASN A 9 -21.54 7.76 -2.49
CA ASN A 9 -21.59 7.60 -2.45
C ASN A 9 -21.78 8.15 -3.94
C ASN A 9 -21.78 8.09 -3.92
N SER A 10 -20.70 8.18 -4.71
CA SER A 10 -20.80 8.58 -6.14
C SER A 10 -21.68 7.54 -6.86
N LEU A 11 -21.77 6.35 -6.24
CA LEU A 11 -22.51 5.22 -6.83
C LEU A 11 -24.01 5.40 -6.87
N GLU A 12 -24.54 4.62 -7.79
CA GLU A 12 -25.96 4.40 -8.06
C GLU A 12 -26.25 4.58 -9.55
N GLY A 13 -26.18 3.43 -10.23
CA GLY A 13 -25.84 2.15 -9.55
C GLY A 13 -26.37 0.94 -10.26
N VAL A 14 -25.45 0.25 -10.94
CA VAL A 14 -25.73 -0.77 -11.97
C VAL A 14 -25.63 0.05 -13.26
N ILE A 15 -25.35 1.33 -13.07
CA ILE A 15 -25.03 2.21 -14.19
C ILE A 15 -23.58 1.88 -14.50
N ASP A 16 -22.89 1.43 -13.45
CA ASP A 16 -21.50 0.95 -13.57
C ASP A 16 -21.52 -0.55 -13.72
N ASN A 17 -21.67 -0.93 -14.97
CA ASN A 17 -21.74 -2.28 -15.41
C ASN A 17 -20.46 -2.51 -16.22
N GLU A 18 -19.39 -2.92 -15.54
CA GLU A 18 -18.03 -2.89 -16.11
C GLU A 18 -17.73 -4.04 -17.09
N PHE A 19 -18.51 -5.11 -16.98
CA PHE A 19 -18.34 -6.29 -17.83
C PHE A 19 -19.55 -6.50 -18.73
N SER A 20 -20.36 -5.46 -18.84
CA SER A 20 -21.48 -5.39 -19.81
C SER A 20 -22.50 -6.52 -19.69
N PRO A 22 -26.01 -8.14 -19.33
CA PRO A 22 -27.37 -7.71 -19.61
C PRO A 22 -28.18 -7.38 -18.34
N ALA A 23 -28.05 -8.21 -17.31
CA ALA A 23 -28.70 -7.98 -15.99
C ALA A 23 -27.60 -7.89 -14.92
N PRO A 24 -27.14 -6.66 -14.65
CA PRO A 24 -26.02 -6.49 -13.73
C PRO A 24 -26.34 -6.71 -12.26
N ARG A 25 -25.27 -6.91 -11.53
CA ARG A 25 -25.29 -7.01 -10.08
C ARG A 25 -24.93 -5.62 -9.51
N TRP A 26 -25.75 -5.17 -8.57
CA TRP A 26 -25.62 -3.82 -7.97
C TRP A 26 -24.30 -3.61 -7.23
N LEU A 27 -23.91 -4.65 -6.51
CA LEU A 27 -22.68 -4.64 -5.70
C LEU A 27 -21.49 -5.18 -6.47
N ASN A 28 -20.59 -4.29 -6.86
CA ASN A 28 -19.38 -4.70 -7.58
C ASN A 28 -18.22 -5.11 -6.69
N THR A 29 -17.42 -6.03 -7.20
CA THR A 29 -16.31 -6.53 -6.44
C THR A 29 -14.98 -6.14 -7.00
N TYR A 30 -14.90 -6.04 -8.32
CA TYR A 30 -13.64 -5.70 -8.98
C TYR A 30 -14.00 -4.94 -10.27
N PRO A 31 -13.18 -3.93 -10.62
CA PRO A 31 -13.44 -3.16 -11.84
C PRO A 31 -12.89 -3.89 -13.05
N ALA A 32 -13.15 -3.36 -14.23
CA ALA A 32 -12.60 -3.88 -15.47
C ALA A 32 -11.17 -3.44 -15.61
N GLY A 33 -10.42 -4.25 -16.36
CA GLY A 33 -9.05 -3.97 -16.73
C GLY A 33 -8.91 -3.35 -18.10
N PRO A 34 -7.71 -3.43 -18.70
CA PRO A 34 -6.53 -4.06 -18.16
C PRO A 34 -6.07 -3.36 -16.91
N TYR A 35 -5.17 -4.04 -16.22
CA TYR A 35 -4.68 -3.59 -14.92
C TYR A 35 -3.19 -3.35 -15.00
N ARG A 36 -2.80 -2.17 -14.52
CA ARG A 36 -1.41 -1.72 -14.61
C ARG A 36 -0.72 -1.85 -13.27
N PHE A 37 0.44 -2.47 -13.31
CA PHE A 37 1.28 -2.68 -12.12
C PHE A 37 2.61 -1.93 -12.15
N ILE A 38 2.84 -1.11 -11.14
CA ILE A 38 4.10 -0.42 -10.98
C ILE A 38 4.84 -1.03 -9.76
N ASN A 39 6.13 -1.31 -9.95
CA ASN A 39 6.99 -1.94 -8.93
C ASN A 39 6.48 -3.30 -8.42
N ARG A 40 5.92 -4.05 -9.35
CA ARG A 40 5.61 -5.47 -9.16
C ARG A 40 6.94 -6.23 -9.04
N GLU A 41 7.15 -6.76 -7.84
CA GLU A 41 8.43 -7.30 -7.44
C GLU A 41 8.33 -8.77 -7.22
N PHE A 42 9.18 -9.50 -7.95
CA PHE A 42 9.18 -10.96 -7.95
C PHE A 42 10.39 -11.54 -7.20
N PHE A 43 10.14 -12.50 -6.32
CA PHE A 43 11.19 -13.31 -5.68
C PHE A 43 10.81 -14.77 -5.93
N ILE A 44 11.61 -15.47 -6.74
CA ILE A 44 11.33 -16.84 -7.18
C ILE A 44 12.46 -17.78 -6.88
N ILE A 45 12.05 -18.87 -6.27
CA ILE A 45 12.92 -19.99 -5.99
C ILE A 45 12.34 -21.20 -6.71
N ALA A 46 13.08 -21.61 -7.73
CA ALA A 46 12.76 -22.76 -8.54
C ALA A 46 13.47 -23.98 -7.96
N TYR A 47 12.70 -25.03 -7.83
CA TYR A 47 13.17 -26.27 -7.29
C TYR A 47 12.61 -27.48 -8.01
N GLU A 48 13.41 -28.52 -7.96
CA GLU A 48 13.07 -29.79 -8.54
C GLU A 48 12.25 -30.61 -7.60
N THR A 49 11.22 -31.24 -8.15
CA THR A 49 10.31 -32.04 -7.34
C THR A 49 10.02 -33.30 -8.12
N ASP A 50 9.00 -34.05 -7.69
CA ASP A 50 8.64 -35.32 -8.36
C ASP A 50 7.77 -35.07 -9.59
N PRO A 51 8.25 -35.49 -10.79
CA PRO A 51 7.60 -35.20 -12.07
C PRO A 51 6.23 -35.85 -12.20
N ASP A 52 6.05 -36.92 -11.45
CA ASP A 52 4.82 -37.69 -11.53
C ASP A 52 3.70 -36.93 -10.82
N LEU A 53 4.08 -36.20 -9.77
CA LEU A 53 3.12 -35.41 -9.00
C LEU A 53 2.64 -34.28 -9.93
N LEU A 54 3.58 -33.72 -10.67
CA LEU A 54 3.29 -32.57 -11.51
C LEU A 54 2.48 -32.99 -12.70
N GLN A 55 2.81 -34.13 -13.26
CA GLN A 55 2.15 -34.57 -14.45
C GLN A 55 0.70 -34.95 -14.13
N ALA A 56 0.45 -35.38 -12.91
CA ALA A 56 -0.87 -35.84 -12.47
C ALA A 56 -1.81 -34.66 -12.36
N ILE A 57 -1.22 -33.52 -12.12
CA ILE A 57 -1.97 -32.27 -11.91
C ILE A 57 -2.30 -31.53 -13.20
N LEU A 58 -1.54 -31.79 -14.26
CA LEU A 58 -1.69 -31.06 -15.52
C LEU A 58 -2.93 -31.49 -16.31
N PRO A 59 -3.60 -30.53 -16.98
CA PRO A 59 -4.76 -30.86 -17.79
C PRO A 59 -4.39 -31.63 -19.04
N PRO A 60 -5.40 -32.08 -19.79
CA PRO A 60 -5.18 -32.81 -21.01
C PRO A 60 -4.33 -32.12 -22.03
N ASP A 61 -3.34 -32.84 -22.49
CA ASP A 61 -2.56 -32.38 -23.63
C ASP A 61 -1.52 -31.33 -23.28
N GLU A 63 2.05 -30.54 -21.49
CA GLU A 63 3.32 -31.21 -21.23
C GLU A 63 4.14 -30.43 -20.22
N LEU A 64 4.82 -31.18 -19.38
CA LEU A 64 5.72 -30.64 -18.38
C LEU A 64 7.08 -30.42 -19.05
N LEU A 65 7.63 -29.21 -18.96
CA LEU A 65 8.91 -28.91 -19.55
C LEU A 65 10.06 -29.46 -18.73
N GLU A 66 9.98 -29.26 -17.43
CA GLU A 66 11.00 -29.76 -16.49
C GLU A 66 10.30 -30.10 -15.20
N PRO A 67 10.88 -31.00 -14.39
CA PRO A 67 10.28 -31.42 -13.12
C PRO A 67 10.50 -30.39 -12.04
N VAL A 68 10.01 -29.20 -12.32
CA VAL A 68 10.30 -28.00 -11.55
C VAL A 68 9.05 -27.17 -11.23
N VAL A 69 9.05 -26.70 -9.97
CA VAL A 69 8.09 -25.73 -9.48
C VAL A 69 8.81 -24.43 -9.19
N LYS A 70 8.24 -23.30 -9.61
CA LYS A 70 8.81 -22.00 -9.32
C LYS A 70 7.97 -21.45 -8.24
N PHE A 71 8.53 -21.39 -7.05
CA PHE A 71 7.84 -20.88 -5.91
C PHE A 71 8.06 -19.39 -5.86
N GLU A 72 6.96 -18.65 -5.82
CA GLU A 72 7.04 -17.21 -5.88
C GLU A 72 6.34 -16.46 -4.74
N PHE A 73 6.94 -15.31 -4.50
CA PHE A 73 6.40 -14.22 -3.72
C PHE A 73 6.44 -12.99 -4.65
N ILE A 74 5.31 -12.29 -4.75
CA ILE A 74 5.24 -11.12 -5.61
C ILE A 74 4.59 -9.98 -4.85
N ARG A 75 5.33 -8.91 -4.69
CA ARG A 75 4.80 -7.70 -4.09
C ARG A 75 4.24 -6.74 -5.14
N PRO A 77 2.52 -3.28 -4.79
CA PRO A 77 2.22 -2.11 -4.00
C PRO A 77 1.35 -1.09 -4.70
N ASP A 78 1.29 -1.16 -6.04
CA ASP A 78 0.60 -0.15 -6.85
C ASP A 78 0.02 -0.86 -8.10
N SER A 79 -1.22 -1.30 -7.92
CA SER A 79 -1.98 -2.12 -8.91
C SER A 79 -3.29 -1.44 -9.22
N THR A 80 -3.44 -0.92 -10.41
CA THR A 80 -4.74 -0.25 -10.78
C THR A 80 -5.91 -1.23 -10.63
N GLY A 81 -6.98 -0.73 -10.01
CA GLY A 81 -8.16 -1.53 -9.80
C GLY A 81 -8.11 -2.45 -8.60
N PHE A 82 -6.95 -3.08 -8.39
CA PHE A 82 -6.85 -4.15 -7.37
C PHE A 82 -6.22 -3.68 -6.07
N GLY A 83 -5.33 -2.69 -6.17
CA GLY A 83 -4.77 -2.09 -4.97
C GLY A 83 -3.34 -2.39 -4.64
N ASP A 84 -3.12 -2.48 -3.33
CA ASP A 84 -1.83 -2.69 -2.70
C ASP A 84 -1.85 -4.05 -1.97
N TYR A 85 -1.14 -5.04 -2.53
CA TYR A 85 -1.20 -6.40 -2.02
C TYR A 85 0.02 -7.27 -2.31
N THR A 86 -0.01 -8.45 -1.72
CA THR A 86 1.04 -9.44 -1.88
C THR A 86 0.49 -10.82 -2.26
N GLU A 87 1.30 -11.59 -2.98
CA GLU A 87 0.90 -12.91 -3.51
C GLU A 87 2.04 -13.87 -3.29
N SER A 88 1.69 -15.14 -3.19
CA SER A 88 2.69 -16.19 -3.18
C SER A 88 2.04 -17.41 -3.78
N GLY A 89 2.82 -18.19 -4.52
CA GLY A 89 2.27 -19.40 -5.15
C GLY A 89 3.29 -20.21 -5.91
N GLN A 90 2.76 -21.25 -6.57
CA GLN A 90 3.59 -22.19 -7.32
C GLN A 90 3.21 -22.17 -8.79
N VAL A 91 4.22 -22.10 -9.64
CA VAL A 91 4.00 -22.13 -11.11
C VAL A 91 4.86 -23.22 -11.70
N VAL A 92 4.30 -23.93 -12.66
CA VAL A 92 5.01 -25.02 -13.31
C VAL A 92 5.31 -24.63 -14.77
N PRO A 93 6.53 -24.94 -15.23
CA PRO A 93 6.82 -24.73 -16.64
C PRO A 93 6.28 -25.86 -17.53
N VAL A 94 5.55 -25.40 -18.53
CA VAL A 94 4.82 -26.29 -19.41
C VAL A 94 4.90 -25.93 -20.88
N ARG A 95 4.43 -26.88 -21.67
CA ARG A 95 4.24 -26.64 -23.10
C ARG A 95 2.79 -27.01 -23.45
N TYR A 96 2.11 -26.11 -24.16
CA TYR A 96 0.75 -26.37 -24.60
C TYR A 96 0.64 -26.00 -26.09
N LYS A 97 0.21 -26.97 -26.88
CA LYS A 97 0.13 -26.80 -28.32
C LYS A 97 1.44 -26.28 -28.89
N GLY A 98 2.52 -26.73 -28.28
CA GLY A 98 3.86 -26.37 -28.70
C GLY A 98 4.33 -25.01 -28.24
N GLU A 99 3.58 -24.38 -27.36
CA GLU A 99 3.96 -23.07 -26.83
C GLU A 99 4.41 -23.21 -25.38
N GLU A 100 5.60 -22.73 -25.10
CA GLU A 100 6.17 -22.79 -23.76
C GLU A 100 5.62 -21.69 -22.87
N GLY A 101 5.20 -22.07 -21.68
CA GLY A 101 4.70 -21.10 -20.73
C GLY A 101 4.70 -21.58 -19.29
N GLY A 102 3.81 -20.99 -18.49
CA GLY A 102 3.67 -21.40 -17.10
C GLY A 102 2.26 -21.77 -16.75
N PHE A 103 2.14 -22.80 -15.91
CA PHE A 103 0.86 -23.24 -15.40
C PHE A 103 0.82 -23.01 -13.86
N THR A 104 -0.08 -22.12 -13.45
CA THR A 104 -0.25 -21.78 -12.01
C THR A 104 -1.12 -22.82 -11.32
N ILE A 105 -0.55 -23.46 -10.30
CA ILE A 105 -1.22 -24.52 -9.54
C ILE A 105 -1.65 -24.07 -8.15
N SER A 106 -1.01 -23.04 -7.65
CA SER A 106 -1.41 -22.44 -6.36
C SER A 106 -1.06 -20.96 -6.29
N PHE A 108 -1.89 -17.42 -3.44
CA PHE A 108 -2.41 -16.91 -2.20
C PHE A 108 -2.15 -15.42 -2.11
N LEU A 109 -3.21 -14.65 -1.83
CA LEU A 109 -3.09 -13.19 -1.75
C LEU A 109 -3.76 -12.69 -0.47
N ASP A 110 -3.37 -11.49 -0.06
CA ASP A 110 -3.95 -10.85 1.12
C ASP A 110 -5.03 -9.77 0.83
N CYS A 111 -5.61 -9.80 -0.36
CA CYS A 111 -6.67 -8.84 -0.73
C CYS A 111 -7.72 -9.51 -1.60
N HIS A 112 -8.99 -9.32 -1.26
CA HIS A 112 -10.08 -10.05 -1.95
C HIS A 112 -10.40 -9.62 -3.36
N ALA A 113 -10.36 -8.33 -3.65
CA ALA A 113 -10.60 -7.83 -5.04
C ALA A 113 -9.83 -8.62 -6.14
N PRO A 114 -8.50 -8.75 -6.03
CA PRO A 114 -7.71 -9.54 -6.99
C PRO A 114 -7.99 -11.02 -6.89
N ILE A 115 -8.32 -11.51 -5.70
CA ILE A 115 -8.79 -12.90 -5.54
C ILE A 115 -10.01 -13.19 -6.40
N ALA A 116 -11.08 -12.40 -6.20
CA ALA A 116 -12.31 -12.60 -6.94
C ALA A 116 -12.10 -12.34 -8.43
N GLY A 117 -11.44 -11.24 -8.75
CA GLY A 117 -11.16 -10.95 -10.14
C GLY A 117 -10.30 -12.02 -10.81
N GLY A 118 -9.24 -12.40 -10.12
CA GLY A 118 -8.35 -13.45 -10.59
C GLY A 118 -9.01 -14.79 -10.90
N ARG A 119 -9.84 -15.27 -10.00
CA ARG A 119 -10.56 -16.53 -10.17
C ARG A 119 -11.64 -16.45 -11.29
N GLU A 120 -12.35 -15.34 -11.33
CA GLU A 120 -13.52 -15.22 -12.16
C GLU A 120 -13.27 -14.78 -13.58
N ILE A 121 -12.21 -14.01 -13.81
CA ILE A 121 -11.86 -13.56 -15.16
C ILE A 121 -10.96 -14.61 -15.81
N TRP A 122 -9.74 -14.74 -15.33
CA TRP A 122 -8.77 -15.64 -15.96
C TRP A 122 -8.81 -17.09 -15.47
N GLY A 123 -9.20 -17.28 -14.20
CA GLY A 123 -9.16 -18.59 -13.56
C GLY A 123 -7.91 -18.90 -12.72
N PHE A 124 -7.21 -17.89 -12.20
CA PHE A 124 -6.10 -18.11 -11.24
C PHE A 124 -6.68 -18.84 -10.01
N PRO A 125 -5.96 -19.86 -9.50
CA PRO A 125 -6.39 -20.66 -8.37
C PRO A 125 -6.04 -19.96 -7.07
N LYS A 127 -6.49 -18.32 -3.35
CA LYS A 127 -7.07 -18.31 -2.00
C LYS A 127 -6.51 -17.15 -1.18
N LEU A 128 -7.18 -16.89 -0.08
CA LEU A 128 -6.82 -15.79 0.81
C LEU A 128 -5.87 -16.31 1.86
N ALA A 129 -4.80 -15.57 2.06
CA ALA A 129 -3.82 -15.85 3.05
C ALA A 129 -3.06 -14.57 3.37
N LYS A 130 -1.92 -14.73 4.07
CA LYS A 130 -1.07 -13.62 4.46
C LYS A 130 0.40 -13.82 4.01
N PRO A 131 0.66 -13.54 2.73
CA PRO A 131 2.03 -13.50 2.23
C PRO A 131 2.68 -12.18 2.54
N LYS A 132 3.96 -12.24 2.81
CA LYS A 132 4.80 -11.09 3.09
C LYS A 132 6.13 -11.23 2.37
N LEU A 133 6.56 -10.13 1.78
CA LEU A 133 7.88 -10.03 1.21
C LEU A 133 8.57 -8.80 1.80
N PHE A 134 9.73 -9.00 2.39
CA PHE A 134 10.41 -7.91 3.05
C PHE A 134 11.93 -8.19 3.16
N VAL A 135 12.65 -7.10 3.37
CA VAL A 135 14.09 -7.13 3.58
C VAL A 135 14.40 -6.95 5.05
N GLU A 136 15.31 -7.78 5.49
CA GLU A 136 15.72 -7.82 6.88
C GLU A 136 17.22 -7.80 6.87
N GLU A 137 17.78 -6.61 7.02
CA GLU A 137 19.22 -6.45 7.03
C GLU A 137 19.77 -6.85 5.68
N ASP A 138 20.37 -8.04 5.64
CA ASP A 138 21.11 -8.53 4.48
C ASP A 138 20.37 -9.58 3.66
N THR A 139 19.11 -9.80 4.02
CA THR A 139 18.30 -10.91 3.50
C THR A 139 16.97 -10.41 2.99
N LEU A 140 16.57 -10.92 1.82
CA LEU A 140 15.21 -10.77 1.30
C LEU A 140 14.44 -12.02 1.81
N ILE A 141 13.29 -11.78 2.48
CA ILE A 141 12.51 -12.86 3.06
C ILE A 141 11.09 -12.82 2.52
N GLY A 142 10.58 -14.03 2.26
CA GLY A 142 9.22 -14.26 1.91
C GLY A 142 8.61 -15.20 2.91
N ILE A 143 7.51 -14.80 3.53
CA ILE A 143 6.80 -15.68 4.45
C ILE A 143 5.33 -15.77 4.07
N LEU A 144 4.86 -16.99 3.83
CA LEU A 144 3.45 -17.27 3.51
C LEU A 144 2.80 -17.96 4.70
N LYS A 145 1.90 -17.23 5.31
CA LYS A 145 1.19 -17.72 6.47
C LYS A 145 -0.26 -17.94 6.08
N TYR A 146 -0.80 -19.11 6.41
CA TYR A 146 -2.19 -19.45 6.10
C TYR A 146 -2.85 -19.73 7.46
N GLY A 147 -3.69 -18.81 7.87
CA GLY A 147 -4.21 -18.85 9.22
C GLY A 147 -3.07 -18.71 10.20
N SER A 148 -3.02 -19.65 11.13
CA SER A 148 -2.04 -19.62 12.18
C SER A 148 -0.72 -20.19 11.70
N ILE A 149 -0.72 -20.78 10.52
CA ILE A 149 0.42 -21.61 10.06
C ILE A 149 1.32 -21.05 8.93
N ASP A 150 2.62 -20.94 9.24
CA ASP A 150 3.63 -20.57 8.24
C ASP A 150 3.85 -21.79 7.38
N ILE A 151 3.38 -21.70 6.15
CA ILE A 151 3.40 -22.83 5.19
C ILE A 151 4.54 -22.73 4.20
N ALA A 152 5.11 -21.55 4.10
CA ALA A 152 6.32 -21.34 3.28
C ALA A 152 7.17 -20.23 3.81
N ILE A 153 8.46 -20.56 3.89
CA ILE A 153 9.54 -19.59 4.19
C ILE A 153 10.64 -19.64 3.16
N ALA A 154 10.85 -18.52 2.51
CA ALA A 154 11.90 -18.33 1.50
C ALA A 154 12.84 -17.21 1.93
N THR A 155 14.13 -17.43 1.70
CA THR A 155 15.18 -16.42 1.98
C THR A 155 16.17 -16.35 0.81
N GLY A 157 19.95 -14.05 -0.27
CA GLY A 157 20.98 -13.00 -0.12
C GLY A 157 20.67 -11.80 -1.00
N TYR A 158 20.56 -10.64 -0.36
CA TYR A 158 20.10 -9.43 -1.02
C TYR A 158 20.95 -8.99 -2.21
N LYS A 159 20.32 -9.12 -3.37
CA LYS A 159 20.90 -8.62 -4.63
C LYS A 159 22.42 -8.89 -4.74
N HIS A 160 22.80 -10.13 -4.48
CA HIS A 160 24.22 -10.54 -4.47
C HIS A 160 24.88 -10.41 -5.81
N ARG A 161 24.18 -10.77 -6.87
CA ARG A 161 24.75 -10.72 -8.21
C ARG A 161 23.69 -10.28 -9.21
N PRO A 162 24.12 -9.58 -10.27
CA PRO A 162 23.14 -9.20 -11.29
C PRO A 162 22.67 -10.35 -12.13
N LEU A 163 21.47 -10.20 -12.62
CA LEU A 163 20.84 -11.16 -13.48
C LEU A 163 20.49 -10.44 -14.77
N ASP A 164 20.70 -11.12 -15.90
CA ASP A 164 20.38 -10.60 -17.25
C ASP A 164 18.91 -10.27 -17.39
N ALA A 165 18.63 -8.98 -17.48
CA ALA A 165 17.29 -8.42 -17.51
C ALA A 165 16.49 -8.79 -18.76
N GLU A 166 17.21 -9.05 -19.86
CA GLU A 166 16.57 -9.38 -21.13
C GLU A 166 16.02 -10.77 -21.06
N LYS A 167 16.78 -11.65 -20.41
CA LYS A 167 16.36 -13.02 -20.20
C LYS A 167 15.16 -13.08 -19.27
N VAL A 168 15.13 -12.22 -18.25
CA VAL A 168 14.00 -12.17 -17.34
C VAL A 168 12.80 -11.66 -18.15
N LEU A 169 13.03 -10.68 -18.99
CA LEU A 169 11.94 -10.13 -19.81
C LEU A 169 11.32 -11.22 -20.70
N GLU A 170 12.17 -12.03 -21.32
CA GLU A 170 11.66 -13.12 -22.16
C GLU A 170 10.81 -14.12 -21.34
N SER A 171 11.22 -14.41 -20.12
CA SER A 171 10.44 -15.29 -19.27
C SER A 171 9.05 -14.70 -18.92
N VAL A 172 9.03 -13.43 -18.54
CA VAL A 172 7.79 -12.78 -18.16
C VAL A 172 6.82 -12.67 -19.33
N LYS A 173 7.38 -12.64 -20.53
CA LYS A 173 6.57 -12.58 -21.77
C LYS A 173 5.88 -13.89 -22.11
N LYS A 174 6.28 -14.98 -21.48
CA LYS A 174 5.69 -16.31 -21.80
C LYS A 174 4.22 -16.39 -21.34
N PRO A 175 3.36 -17.09 -22.10
CA PRO A 175 1.95 -17.14 -21.74
C PRO A 175 1.68 -17.74 -20.39
N VAL A 176 0.57 -17.27 -19.84
CA VAL A 176 0.07 -17.73 -18.55
C VAL A 176 -1.13 -18.61 -18.86
N PHE A 177 -0.98 -19.89 -18.51
CA PHE A 177 -2.03 -20.93 -18.68
C PHE A 177 -2.71 -21.19 -17.38
N LEU A 178 -4.02 -21.34 -17.42
CA LEU A 178 -4.85 -21.51 -16.22
C LEU A 178 -6.12 -22.34 -16.46
N LEU A 179 -6.49 -23.11 -15.44
CA LEU A 179 -7.73 -23.90 -15.46
C LEU A 179 -8.81 -23.10 -14.79
N LYS A 180 -9.77 -22.65 -15.58
CA LYS A 180 -10.89 -21.90 -15.06
C LYS A 180 -12.07 -22.84 -14.88
N ASN A 181 -12.34 -23.12 -13.60
CA ASN A 181 -13.31 -24.13 -13.16
C ASN A 181 -14.37 -23.53 -12.23
N ILE A 182 -15.60 -23.51 -12.72
CA ILE A 182 -16.74 -22.97 -11.97
C ILE A 182 -17.90 -23.96 -11.97
N PRO A 183 -18.42 -24.31 -10.79
CA PRO A 183 -19.59 -25.19 -10.67
C PRO A 183 -20.84 -24.51 -11.17
N ASN A 184 -21.81 -25.32 -11.56
CA ASN A 184 -23.17 -24.84 -11.78
C ASN A 184 -23.87 -24.84 -10.43
N VAL A 185 -24.94 -24.04 -10.34
CA VAL A 185 -25.70 -23.93 -9.10
C VAL A 185 -26.28 -25.28 -8.65
N ASP A 186 -26.37 -26.23 -9.59
CA ASP A 186 -26.89 -27.60 -9.31
C ASP A 186 -25.77 -28.55 -8.86
N GLY A 187 -24.54 -28.04 -8.78
CA GLY A 187 -23.42 -28.84 -8.25
C GLY A 187 -22.60 -29.61 -9.28
N THR A 188 -23.03 -29.54 -10.52
CA THR A 188 -22.30 -30.14 -11.65
C THR A 188 -21.42 -29.10 -12.31
N PRO A 189 -20.51 -29.52 -13.19
CA PRO A 189 -19.68 -28.48 -13.81
C PRO A 189 -20.41 -27.49 -14.74
N LEU A 190 -20.04 -26.23 -14.64
CA LEU A 190 -20.54 -25.17 -15.56
C LEU A 190 -19.45 -24.72 -16.53
N VAL A 191 -18.28 -24.44 -15.98
CA VAL A 191 -17.13 -23.96 -16.77
C VAL A 191 -15.94 -24.82 -16.43
N ASN A 192 -15.21 -25.29 -17.44
CA ASN A 192 -13.94 -26.04 -17.21
C ASN A 192 -13.16 -25.78 -18.50
N GLN A 193 -12.36 -24.70 -18.41
CA GLN A 193 -11.63 -24.15 -19.52
C GLN A 193 -10.15 -23.99 -19.22
N LEU A 194 -9.33 -24.07 -20.28
CA LEU A 194 -7.94 -23.71 -20.16
C LEU A 194 -7.90 -22.34 -20.80
N THR A 195 -7.39 -21.35 -20.06
CA THR A 195 -7.25 -19.99 -20.59
C THR A 195 -5.77 -19.69 -20.76
N LYS A 196 -5.51 -18.76 -21.68
CA LYS A 196 -4.15 -18.28 -22.00
C LYS A 196 -4.13 -16.76 -22.06
N THR A 197 -3.17 -16.17 -21.33
CA THR A 197 -3.03 -14.72 -21.25
C THR A 197 -1.58 -14.35 -21.36
N TYR A 198 -1.33 -13.22 -22.01
CA TYR A 198 0.02 -12.68 -22.14
C TYR A 198 0.13 -11.31 -21.45
N LEU A 199 1.09 -11.22 -20.53
CA LEU A 199 1.43 -9.95 -19.88
C LEU A 199 2.01 -9.03 -20.94
N THR A 200 1.67 -7.76 -20.82
CA THR A 200 2.09 -6.77 -21.80
C THR A 200 2.78 -5.54 -21.18
N ASP A 201 3.39 -4.77 -22.06
CA ASP A 201 4.03 -3.51 -21.71
C ASP A 201 4.94 -3.69 -20.52
N ILE A 202 5.84 -4.65 -20.65
CA ILE A 202 6.67 -5.02 -19.53
C ILE A 202 8.01 -4.31 -19.59
N THR A 203 8.38 -3.73 -18.47
CA THR A 203 9.70 -3.21 -18.28
C THR A 203 10.34 -3.98 -17.12
N VAL A 204 11.48 -4.61 -17.38
CA VAL A 204 12.28 -5.15 -16.28
C VAL A 204 13.27 -4.07 -15.85
N LYS A 205 13.03 -3.53 -14.67
CA LYS A 205 13.75 -2.38 -14.12
C LYS A 205 14.99 -2.79 -13.37
N GLY A 206 15.05 -4.07 -12.99
CA GLY A 206 16.23 -4.59 -12.30
C GLY A 206 16.08 -6.06 -12.04
N ALA A 207 17.20 -6.76 -11.99
CA ALA A 207 17.21 -8.22 -11.72
C ALA A 207 18.51 -8.72 -11.08
N TRP A 208 18.31 -9.62 -10.13
CA TRP A 208 19.39 -10.15 -9.35
C TRP A 208 19.22 -11.61 -8.98
N THR A 209 20.33 -12.18 -8.57
CA THR A 209 20.36 -13.52 -8.06
C THR A 209 21.27 -13.56 -6.82
N GLY A 210 21.38 -14.73 -6.24
CA GLY A 210 22.13 -14.92 -5.03
C GLY A 210 21.77 -16.24 -4.39
N PRO A 211 22.35 -16.51 -3.23
CA PRO A 211 22.02 -17.73 -2.50
C PRO A 211 20.58 -17.67 -1.99
N GLY A 212 19.91 -18.83 -1.92
CA GLY A 212 18.48 -18.93 -1.57
C GLY A 212 18.15 -20.15 -0.74
N SER A 213 17.02 -20.08 -0.06
CA SER A 213 16.51 -21.20 0.69
C SER A 213 14.98 -21.19 0.63
N LEU A 214 14.39 -22.37 0.81
CA LEU A 214 12.93 -22.56 0.85
C LEU A 214 12.61 -23.71 1.80
N GLU A 215 11.63 -23.45 2.66
CA GLU A 215 11.03 -24.40 3.56
C GLU A 215 9.50 -24.37 3.44
N LEU A 216 8.91 -25.55 3.38
CA LEU A 216 7.46 -25.71 3.28
C LEU A 216 6.94 -26.55 4.44
N HIS A 217 5.70 -26.29 4.82
CA HIS A 217 5.04 -27.00 5.91
C HIS A 217 3.65 -27.35 5.45
N PRO A 218 3.10 -28.47 5.93
CA PRO A 218 1.80 -28.91 5.46
C PRO A 218 0.62 -28.13 5.99
N HIS A 219 -0.47 -28.19 5.23
CA HIS A 219 -1.74 -27.67 5.65
C HIS A 219 -2.82 -28.33 4.82
N ALA A 220 -3.85 -28.83 5.50
CA ALA A 220 -4.96 -29.54 4.83
C ALA A 220 -5.58 -28.76 3.70
N LEU A 221 -5.62 -27.43 3.83
CA LEU A 221 -6.35 -26.56 2.89
C LEU A 221 -5.40 -25.76 1.99
N ALA A 222 -4.11 -26.02 2.17
CA ALA A 222 -3.09 -25.36 1.34
C ALA A 222 -1.89 -26.33 1.23
N PRO A 223 -2.11 -27.49 0.58
CA PRO A 223 -1.14 -28.63 0.50
C PRO A 223 0.08 -28.39 -0.40
N ILE A 224 0.56 -27.16 -0.38
CA ILE A 224 1.73 -26.78 -1.20
C ILE A 224 2.98 -27.69 -0.91
N SER A 225 3.09 -28.20 0.33
CA SER A 225 4.24 -29.03 0.70
C SER A 225 4.20 -30.39 0.02
N ASN A 226 3.07 -30.73 -0.57
CA ASN A 226 2.97 -31.96 -1.34
C ASN A 226 3.96 -32.00 -2.50
N LEU A 227 4.30 -30.83 -3.02
CA LEU A 227 5.30 -30.72 -4.07
C LEU A 227 6.63 -30.48 -3.39
N TYR A 228 7.17 -31.58 -2.89
CA TYR A 228 8.38 -31.55 -2.06
C TYR A 228 9.62 -31.14 -2.84
N ILE A 229 10.58 -30.59 -2.11
CA ILE A 229 11.80 -30.00 -2.67
C ILE A 229 12.91 -31.04 -2.76
N LYS A 230 13.40 -31.34 -3.95
CA LYS A 230 14.52 -32.27 -4.08
C LYS A 230 15.83 -31.47 -4.07
N LYS A 231 15.79 -30.32 -4.69
CA LYS A 231 16.92 -29.41 -4.68
C LYS A 231 16.49 -28.09 -5.31
N ILE A 232 17.14 -27.03 -4.90
CA ILE A 232 16.91 -25.69 -5.47
C ILE A 232 17.73 -25.54 -6.74
N VAL A 233 17.08 -25.13 -7.81
CA VAL A 233 17.77 -25.02 -9.10
C VAL A 233 17.89 -23.58 -9.61
N SER A 234 17.15 -22.64 -9.04
CA SER A 234 17.40 -21.23 -9.36
C SER A 234 16.80 -20.27 -8.32
N VAL A 235 17.43 -19.10 -8.22
CA VAL A 235 17.03 -18.06 -7.28
C VAL A 235 16.99 -16.74 -8.02
N SER A 236 15.83 -16.10 -8.04
CA SER A 236 15.70 -14.80 -8.75
C SER A 236 14.91 -13.75 -8.00
N HIS A 237 15.36 -12.51 -8.19
CA HIS A 237 14.70 -11.34 -7.68
C HIS A 237 14.72 -10.32 -8.79
N PHE A 238 13.54 -9.81 -9.15
CA PHE A 238 13.41 -8.73 -10.15
C PHE A 238 12.21 -7.84 -9.93
N ILE A 239 12.33 -6.63 -10.43
CA ILE A 239 11.28 -5.66 -10.26
C ILE A 239 10.88 -5.10 -11.59
N THR A 240 9.59 -4.84 -11.72
CA THR A 240 9.02 -4.54 -13.03
C THR A 240 7.87 -3.56 -12.98
N ASP A 241 7.52 -3.10 -14.18
CA ASP A 241 6.26 -2.45 -14.44
C ASP A 241 5.68 -3.26 -15.57
N LEU A 242 4.41 -3.62 -15.42
CA LEU A 242 3.74 -4.42 -16.41
C LEU A 242 2.25 -4.29 -16.35
N THR A 243 1.62 -4.79 -17.41
CA THR A 243 0.16 -4.77 -17.56
C THR A 243 -0.39 -6.18 -17.70
N LEU A 244 -1.47 -6.40 -16.97
CA LEU A 244 -2.25 -7.61 -16.98
C LEU A 244 -3.53 -7.35 -17.79
N PRO A 245 -3.55 -7.81 -19.05
CA PRO A 245 -4.76 -7.57 -19.80
C PRO A 245 -5.67 -8.79 -19.82
N TYR A 246 -6.69 -8.75 -20.64
CA TYR A 246 -7.56 -9.93 -20.75
C TYR A 246 -6.88 -10.98 -21.61
N GLY A 247 -7.49 -12.17 -21.65
CA GLY A 247 -6.91 -13.35 -22.31
C GLY A 247 -7.92 -14.10 -23.13
N LYS A 248 -7.62 -15.35 -23.42
CA LYS A 248 -8.47 -16.14 -24.34
C LYS A 248 -8.66 -17.56 -23.87
N VAL A 249 -9.80 -18.13 -24.18
CA VAL A 249 -10.09 -19.56 -23.90
C VAL A 249 -9.41 -20.42 -24.99
N VAL A 250 -8.64 -21.40 -24.57
CA VAL A 250 -7.91 -22.22 -25.54
C VAL A 250 -8.29 -23.71 -25.50
N ALA A 251 -8.97 -24.12 -24.45
CA ALA A 251 -9.61 -25.44 -24.37
C ALA A 251 -10.91 -25.36 -23.54
N ASP A 252 -11.90 -26.15 -23.95
CA ASP A 252 -13.15 -26.21 -23.19
C ASP A 252 -13.42 -27.68 -23.00
N TYR A 253 -13.18 -28.15 -21.77
CA TYR A 253 -13.28 -29.56 -21.43
C TYR A 253 -14.72 -30.04 -21.24
N LEU A 254 -15.66 -29.10 -21.36
CA LEU A 254 -17.08 -29.42 -21.23
C LEU A 254 -17.64 -29.52 -22.65
N ALA A 255 -16.70 -29.46 -23.57
CA ALA A 255 -16.99 -29.58 -24.98
C ALA A 255 -16.19 -30.80 -25.50
N SER B 7 12.34 -28.48 2.59
CA SER B 7 13.42 -27.49 2.90
C SER B 7 14.74 -27.73 2.17
N ALA B 8 15.34 -26.62 1.76
CA ALA B 8 16.57 -26.67 0.99
C ALA B 8 17.24 -25.32 0.96
N ASN B 9 18.56 -25.38 0.81
N ASN B 9 18.57 -25.37 0.86
CA ASN B 9 19.46 -24.25 0.64
CA ASN B 9 19.45 -24.21 0.68
C ASN B 9 20.08 -24.42 -0.75
C ASN B 9 20.10 -24.42 -0.71
N SER B 10 20.26 -23.33 -1.47
CA SER B 10 20.86 -23.39 -2.82
C SER B 10 22.37 -23.66 -2.76
N LEU B 11 22.89 -23.50 -1.54
CA LEU B 11 24.32 -23.66 -1.24
C LEU B 11 24.71 -25.13 -1.24
N GLU B 12 25.92 -25.39 -1.69
CA GLU B 12 26.43 -26.76 -1.77
C GLU B 12 27.69 -26.84 -2.65
N GLY B 13 28.80 -26.26 -2.21
CA GLY B 13 28.90 -25.52 -0.93
C GLY B 13 30.06 -24.53 -0.87
N VAL B 14 31.28 -25.06 -0.93
CA VAL B 14 32.50 -24.25 -0.87
C VAL B 14 32.78 -23.99 -2.34
N ILE B 15 31.71 -24.16 -3.10
CA ILE B 15 31.73 -23.90 -4.53
C ILE B 15 31.63 -22.39 -4.71
N ASP B 16 31.07 -21.72 -3.70
CA ASP B 16 30.95 -20.24 -3.71
C ASP B 16 32.13 -19.59 -3.03
N ASN B 17 33.15 -19.33 -3.84
CA ASN B 17 34.44 -18.78 -3.42
C ASN B 17 34.63 -17.41 -4.04
N GLU B 18 33.98 -16.46 -3.41
CA GLU B 18 33.76 -15.12 -3.94
C GLU B 18 35.04 -14.30 -4.02
N PHE B 19 36.01 -14.64 -3.19
CA PHE B 19 37.26 -13.87 -3.18
C PHE B 19 38.47 -14.71 -3.59
N SER B 20 38.17 -15.85 -4.21
CA SER B 20 39.13 -16.77 -4.82
C SER B 20 40.20 -17.24 -3.87
N PRO B 22 42.42 -19.84 -1.99
CA PRO B 22 42.95 -21.18 -2.28
C PRO B 22 42.33 -22.21 -1.37
N ALA B 23 42.04 -21.81 -0.14
CA ALA B 23 41.41 -22.66 0.88
C ALA B 23 40.20 -21.89 1.46
N PRO B 24 39.04 -22.02 0.81
CA PRO B 24 37.89 -21.20 1.23
C PRO B 24 37.15 -21.69 2.48
N ARG B 25 36.53 -20.72 3.12
CA ARG B 25 35.70 -20.88 4.30
C ARG B 25 34.30 -21.17 3.78
N TRP B 26 33.67 -22.19 4.38
CA TRP B 26 32.34 -22.64 3.99
C TRP B 26 31.25 -21.58 4.29
N LEU B 27 31.31 -20.98 5.46
CA LEU B 27 30.34 -19.98 5.89
C LEU B 27 30.75 -18.60 5.41
N ASN B 28 29.97 -18.09 4.48
CA ASN B 28 30.20 -16.75 3.92
C ASN B 28 29.51 -15.68 4.73
N THR B 29 30.14 -14.51 4.83
CA THR B 29 29.56 -13.36 5.56
C THR B 29 29.19 -12.21 4.64
N TYR B 30 29.88 -12.09 3.52
CA TYR B 30 29.57 -11.06 2.54
C TYR B 30 29.97 -11.51 1.13
N PRO B 31 29.19 -11.06 0.13
CA PRO B 31 29.65 -11.44 -1.17
C PRO B 31 30.62 -10.40 -1.74
N ALA B 32 31.12 -10.69 -2.93
CA ALA B 32 32.03 -9.84 -3.70
C ALA B 32 31.26 -8.68 -4.31
N GLY B 33 32.03 -7.63 -4.62
CA GLY B 33 31.52 -6.43 -5.27
C GLY B 33 31.85 -6.42 -6.75
N PRO B 34 31.72 -5.24 -7.36
CA PRO B 34 31.35 -3.98 -6.74
C PRO B 34 29.90 -3.97 -6.22
N TYR B 35 29.63 -2.98 -5.37
CA TYR B 35 28.38 -2.82 -4.68
C TYR B 35 27.65 -1.55 -5.15
N ARG B 36 26.40 -1.74 -5.57
CA ARG B 36 25.56 -0.66 -6.05
C ARG B 36 24.63 -0.13 -5.04
N PHE B 37 24.67 1.19 -4.89
CA PHE B 37 23.83 1.88 -3.94
C PHE B 37 22.81 2.75 -4.60
N ILE B 38 21.53 2.48 -4.35
CA ILE B 38 20.45 3.34 -4.82
C ILE B 38 19.88 4.16 -3.63
N ASN B 39 19.69 5.45 -3.86
CA ASN B 39 19.16 6.36 -2.86
C ASN B 39 19.98 6.46 -1.59
N ARG B 40 21.29 6.35 -1.77
CA ARG B 40 22.21 6.57 -0.67
C ARG B 40 22.11 8.03 -0.30
N GLU B 41 21.66 8.27 0.93
CA GLU B 41 21.24 9.58 1.37
C GLU B 41 22.17 10.08 2.46
N PHE B 42 22.82 11.23 2.22
CA PHE B 42 23.80 11.76 3.18
C PHE B 42 23.29 12.99 3.94
N PHE B 43 23.60 13.04 5.24
CA PHE B 43 23.34 14.20 6.11
C PHE B 43 24.64 14.48 6.87
N ILE B 44 25.23 15.63 6.58
CA ILE B 44 26.59 15.92 7.09
C ILE B 44 26.68 17.27 7.75
N ILE B 45 27.06 17.25 9.02
CA ILE B 45 27.34 18.46 9.74
C ILE B 45 28.85 18.49 9.94
N ALA B 46 29.46 19.42 9.23
CA ALA B 46 30.88 19.62 9.27
C ALA B 46 31.12 20.60 10.40
N TYR B 47 32.10 20.30 11.24
CA TYR B 47 32.50 21.21 12.35
C TYR B 47 34.00 21.36 12.60
N GLU B 48 34.37 22.52 13.09
CA GLU B 48 35.74 22.80 13.53
C GLU B 48 36.06 22.14 14.86
N THR B 49 37.26 21.61 14.94
CA THR B 49 37.73 21.01 16.18
C THR B 49 39.21 21.30 16.42
N ASP B 50 39.78 20.64 17.42
CA ASP B 50 41.21 20.87 17.76
C ASP B 50 42.09 20.15 16.75
N PRO B 51 42.90 20.91 16.00
CA PRO B 51 43.72 20.33 14.97
C PRO B 51 44.75 19.33 15.50
N ASP B 52 45.16 19.51 16.74
CA ASP B 52 46.21 18.66 17.30
C ASP B 52 45.69 17.28 17.58
N LEU B 53 44.40 17.19 17.88
CA LEU B 53 43.79 15.90 18.17
C LEU B 53 43.71 15.17 16.82
N LEU B 54 43.41 15.94 15.77
CA LEU B 54 43.25 15.30 14.48
C LEU B 54 44.60 14.86 13.97
N GLN B 55 45.62 15.68 14.17
CA GLN B 55 46.93 15.37 13.60
C GLN B 55 47.47 14.09 14.24
N ALA B 56 47.06 13.89 15.49
CA ALA B 56 47.53 12.78 16.30
C ALA B 56 46.96 11.46 15.82
N ILE B 57 45.80 11.53 15.19
CA ILE B 57 45.09 10.35 14.68
C ILE B 57 45.53 9.94 13.28
N LEU B 58 45.89 10.93 12.48
CA LEU B 58 46.27 10.69 11.09
C LEU B 58 47.57 9.89 11.04
N PRO B 59 47.70 8.99 10.02
CA PRO B 59 48.90 8.20 9.85
C PRO B 59 50.02 8.98 9.19
N PRO B 60 51.24 8.45 9.19
CA PRO B 60 52.41 9.15 8.61
C PRO B 60 52.17 9.69 7.19
N ASP B 61 52.65 10.90 6.94
CA ASP B 61 52.65 11.46 5.60
C ASP B 61 51.26 11.81 5.09
N GLU B 63 48.40 14.71 5.32
CA GLU B 63 48.15 16.12 5.61
C GLU B 63 46.69 16.37 6.05
N LEU B 64 46.54 17.13 7.14
CA LEU B 64 45.21 17.60 7.57
C LEU B 64 44.88 18.83 6.72
N LEU B 65 43.84 18.74 5.91
CA LEU B 65 43.46 19.88 5.04
C LEU B 65 42.90 21.09 5.82
N GLU B 66 42.12 20.78 6.81
CA GLU B 66 41.54 21.75 7.73
C GLU B 66 41.11 21.01 9.00
N PRO B 67 41.04 21.71 10.14
CA PRO B 67 40.75 21.03 11.40
C PRO B 67 39.26 20.95 11.56
N VAL B 68 38.72 20.12 10.72
CA VAL B 68 37.27 19.98 10.61
C VAL B 68 36.94 18.50 10.62
N VAL B 69 35.87 18.16 11.30
CA VAL B 69 35.32 16.83 11.22
C VAL B 69 34.00 16.92 10.49
N LYS B 70 33.81 16.02 9.55
CA LYS B 70 32.54 15.88 8.86
C LYS B 70 31.77 14.72 9.49
N PHE B 71 30.79 15.10 10.29
CA PHE B 71 29.95 14.15 10.99
C PHE B 71 28.79 13.81 10.11
N GLU B 72 28.64 12.51 9.86
CA GLU B 72 27.63 12.03 8.88
C GLU B 72 26.67 10.99 9.42
N PHE B 73 25.46 11.05 8.86
CA PHE B 73 24.45 10.00 8.87
C PHE B 73 24.17 9.71 7.39
N ILE B 74 24.18 8.43 7.05
CA ILE B 74 23.99 7.96 5.68
C ILE B 74 22.99 6.84 5.71
N ARG B 75 21.93 7.02 4.95
CA ARG B 75 20.89 6.03 4.81
C ARG B 75 21.09 5.23 3.52
N PRO B 77 19.16 2.38 1.86
CA PRO B 77 18.03 1.47 1.85
C PRO B 77 18.10 0.36 0.79
N ASP B 78 19.00 0.52 -0.16
CA ASP B 78 19.06 -0.41 -1.28
C ASP B 78 20.51 -0.55 -1.74
N SER B 79 21.18 -1.53 -1.17
CA SER B 79 22.61 -1.74 -1.39
C SER B 79 22.84 -3.19 -1.80
N THR B 80 23.33 -3.38 -3.02
CA THR B 80 23.55 -4.76 -3.47
C THR B 80 24.58 -5.45 -2.61
N GLY B 81 24.27 -6.69 -2.26
CA GLY B 81 25.18 -7.50 -1.43
C GLY B 81 25.05 -7.24 0.05
N PHE B 82 24.87 -5.99 0.43
CA PHE B 82 24.90 -5.59 1.84
C PHE B 82 23.53 -5.31 2.44
N GLY B 83 22.54 -5.02 1.61
CA GLY B 83 21.17 -4.88 2.12
C GLY B 83 20.64 -3.47 2.41
N ASP B 84 19.85 -3.41 3.47
CA ASP B 84 19.14 -2.19 3.89
C ASP B 84 19.66 -1.79 5.26
N TYR B 85 20.44 -0.73 5.32
CA TYR B 85 21.03 -0.29 6.56
C TYR B 85 21.30 1.19 6.63
N THR B 86 21.82 1.58 7.79
CA THR B 86 22.10 2.97 8.15
C THR B 86 23.53 3.05 8.75
N GLU B 87 24.17 4.19 8.52
CA GLU B 87 25.54 4.49 8.94
C GLU B 87 25.64 5.87 9.61
N SER B 88 26.59 6.02 10.53
CA SER B 88 26.96 7.33 11.02
C SER B 88 28.43 7.29 11.33
N GLY B 89 29.10 8.43 11.16
CA GLY B 89 30.51 8.48 11.51
C GLY B 89 31.16 9.81 11.28
N GLN B 90 32.48 9.78 11.37
CA GLN B 90 33.31 10.97 11.28
C GLN B 90 34.40 10.77 10.22
N VAL B 91 34.47 11.76 9.33
CA VAL B 91 35.44 11.82 8.24
C VAL B 91 36.17 13.15 8.31
N VAL B 92 37.47 13.08 8.11
CA VAL B 92 38.39 14.21 8.14
C VAL B 92 38.87 14.53 6.71
N PRO B 93 38.85 15.80 6.32
CA PRO B 93 39.43 16.17 5.03
C PRO B 93 40.96 16.14 5.08
N VAL B 94 41.55 15.34 4.21
CA VAL B 94 43.00 15.16 4.19
C VAL B 94 43.64 15.26 2.80
N ARG B 95 44.96 15.14 2.81
N ARG B 95 44.97 15.24 2.80
CA ARG B 95 45.78 15.23 1.61
CA ARG B 95 45.69 15.11 1.54
C ARG B 95 46.89 14.17 1.67
C ARG B 95 46.77 14.08 1.72
N TYR B 96 46.88 13.23 0.71
CA TYR B 96 47.87 12.18 0.70
C TYR B 96 48.56 12.20 -0.68
N LYS B 97 49.88 12.37 -0.64
CA LYS B 97 50.69 12.41 -1.84
C LYS B 97 50.08 13.37 -2.83
N GLY B 98 49.60 14.48 -2.27
CA GLY B 98 49.10 15.61 -3.03
C GLY B 98 47.66 15.51 -3.44
N GLU B 99 47.04 14.40 -3.10
CA GLU B 99 45.66 14.14 -3.52
C GLU B 99 44.68 14.32 -2.37
N GLU B 100 43.77 15.27 -2.53
CA GLU B 100 42.75 15.54 -1.52
C GLU B 100 41.71 14.41 -1.45
N GLY B 101 41.32 14.08 -0.24
CA GLY B 101 40.35 13.01 -0.04
C GLY B 101 39.79 13.08 1.35
N GLY B 102 39.16 11.98 1.78
CA GLY B 102 38.62 11.85 3.13
C GLY B 102 39.24 10.68 3.86
N PHE B 103 39.48 10.87 5.16
CA PHE B 103 39.99 9.84 6.08
C PHE B 103 38.93 9.54 7.13
N THR B 104 38.41 8.33 7.11
CA THR B 104 37.31 7.98 8.01
C THR B 104 37.91 7.57 9.33
N ILE B 105 37.46 8.21 10.40
CA ILE B 105 38.02 7.89 11.69
C ILE B 105 37.04 7.16 12.59
N SER B 106 35.75 7.22 12.30
CA SER B 106 34.79 6.41 13.06
C SER B 106 33.61 6.08 12.21
N PHE B 108 29.80 3.64 12.30
CA PHE B 108 28.82 2.85 13.02
C PHE B 108 27.67 2.45 12.09
N LEU B 109 27.39 1.16 12.03
CA LEU B 109 26.32 0.65 11.16
C LEU B 109 25.40 -0.29 11.96
N ASP B 110 24.21 -0.52 11.45
CA ASP B 110 23.23 -1.45 12.08
C ASP B 110 23.03 -2.80 11.38
N CYS B 111 23.99 -3.20 10.57
CA CYS B 111 23.96 -4.43 9.82
C CYS B 111 25.37 -5.05 9.79
N HIS B 112 25.51 -6.33 10.12
CA HIS B 112 26.86 -6.87 10.19
C HIS B 112 27.52 -7.17 8.85
N ALA B 113 26.79 -7.54 7.83
CA ALA B 113 27.46 -7.84 6.58
C ALA B 113 28.33 -6.67 6.09
N PRO B 114 27.74 -5.42 6.03
CA PRO B 114 28.60 -4.31 5.59
C PRO B 114 29.72 -3.95 6.58
N ILE B 115 29.55 -4.38 7.84
CA ILE B 115 30.60 -4.17 8.85
C ILE B 115 31.83 -5.02 8.58
N ALA B 116 31.62 -6.34 8.51
CA ALA B 116 32.70 -7.30 8.25
C ALA B 116 33.31 -7.03 6.93
N GLY B 117 32.49 -6.79 5.91
CA GLY B 117 33.00 -6.51 4.55
C GLY B 117 33.79 -5.21 4.56
N GLY B 118 33.24 -4.20 5.23
CA GLY B 118 33.87 -2.88 5.25
C GLY B 118 35.22 -2.89 5.94
N ARG B 119 35.27 -3.63 7.04
CA ARG B 119 36.50 -3.74 7.82
C ARG B 119 37.54 -4.58 7.11
N GLU B 120 37.08 -5.64 6.46
CA GLU B 120 37.99 -6.70 5.98
C GLU B 120 38.49 -6.49 4.57
N ILE B 121 37.71 -5.79 3.75
CA ILE B 121 38.11 -5.46 2.38
C ILE B 121 38.92 -4.12 2.34
N TRP B 122 38.24 -3.00 2.59
CA TRP B 122 38.88 -1.66 2.45
C TRP B 122 39.55 -1.18 3.74
N GLY B 123 39.01 -1.65 4.87
CA GLY B 123 39.48 -1.28 6.21
C GLY B 123 38.74 -0.13 6.85
N PHE B 124 37.45 0.02 6.55
CA PHE B 124 36.61 1.00 7.28
C PHE B 124 36.60 0.66 8.77
N PRO B 125 36.67 1.70 9.62
CA PRO B 125 36.70 1.47 11.07
C PRO B 125 35.29 1.30 11.62
N LYS B 127 31.98 -0.23 13.54
CA LYS B 127 31.46 -0.87 14.74
C LYS B 127 29.94 -0.97 14.58
N LEU B 128 29.35 -1.91 15.31
CA LEU B 128 27.89 -2.12 15.40
C LEU B 128 27.24 -1.12 16.38
N ALA B 129 26.27 -0.41 15.86
CA ALA B 129 25.42 0.44 16.67
C ALA B 129 24.03 0.60 16.03
N LYS B 130 23.32 1.63 16.48
CA LYS B 130 21.99 1.90 15.98
C LYS B 130 21.85 3.37 15.53
N PRO B 131 22.38 3.68 14.34
CA PRO B 131 22.10 4.99 13.78
C PRO B 131 20.74 5.00 13.09
N LYS B 132 20.07 6.15 13.17
CA LYS B 132 18.80 6.41 12.48
C LYS B 132 18.80 7.79 11.81
N LEU B 133 18.23 7.85 10.62
CA LEU B 133 18.11 9.05 9.86
C LEU B 133 16.65 9.09 9.46
N PHE B 134 15.96 10.12 9.91
CA PHE B 134 14.54 10.29 9.62
C PHE B 134 14.11 11.75 9.64
N VAL B 135 12.93 11.95 9.10
CA VAL B 135 12.28 13.25 9.05
C VAL B 135 11.16 13.25 10.03
N GLU B 136 11.13 14.31 10.84
CA GLU B 136 9.97 14.50 11.68
C GLU B 136 9.52 15.94 11.49
N GLU B 137 8.37 16.05 10.82
CA GLU B 137 7.75 17.32 10.49
C GLU B 137 8.62 18.11 9.56
N ASP B 138 9.17 19.17 10.16
CA ASP B 138 9.99 20.20 9.54
C ASP B 138 11.51 19.96 9.64
N THR B 139 11.89 18.88 10.31
CA THR B 139 13.28 18.64 10.67
C THR B 139 13.79 17.32 10.17
N LEU B 140 15.04 17.33 9.73
CA LEU B 140 15.79 16.09 9.36
C LEU B 140 16.60 15.76 10.63
N ILE B 141 16.50 14.52 11.09
CA ILE B 141 17.13 14.13 12.35
C ILE B 141 17.96 12.87 12.16
N GLY B 142 19.17 12.93 12.72
CA GLY B 142 20.07 11.81 12.82
C GLY B 142 20.38 11.58 14.30
N ILE B 143 20.15 10.34 14.76
CA ILE B 143 20.50 9.89 16.11
C ILE B 143 21.30 8.61 16.08
N LEU B 144 22.45 8.66 16.72
CA LEU B 144 23.32 7.51 16.82
C LEU B 144 23.29 7.04 18.26
N LYS B 145 22.72 5.85 18.44
CA LYS B 145 22.64 5.19 19.71
C LYS B 145 23.64 4.01 19.75
N TYR B 146 24.41 3.95 20.83
CA TYR B 146 25.42 2.93 21.05
C TYR B 146 24.99 2.24 22.34
N GLY B 147 24.45 1.04 22.21
CA GLY B 147 23.78 0.41 23.31
C GLY B 147 22.58 1.25 23.74
N SER B 148 22.58 1.65 25.01
CA SER B 148 21.48 2.33 25.65
C SER B 148 21.73 3.82 25.57
N ILE B 149 22.89 4.20 25.03
N ILE B 149 22.87 4.19 24.99
CA ILE B 149 23.30 5.61 25.05
CA ILE B 149 23.35 5.59 25.03
C ILE B 149 23.29 6.30 23.71
C ILE B 149 23.33 6.33 23.71
N ASP B 150 22.63 7.45 23.66
CA ASP B 150 22.61 8.26 22.45
C ASP B 150 23.90 9.05 22.49
N ILE B 151 24.78 8.81 21.52
CA ILE B 151 26.14 9.41 21.49
C ILE B 151 26.26 10.55 20.51
N ALA B 152 25.37 10.58 19.55
CA ALA B 152 25.23 11.76 18.71
C ALA B 152 23.81 12.07 18.27
N ILE B 153 23.50 13.37 18.27
CA ILE B 153 22.20 13.86 17.80
C ILE B 153 22.42 15.06 16.86
N ALA B 154 21.98 14.91 15.61
CA ALA B 154 22.10 15.94 14.58
C ALA B 154 20.71 16.35 14.12
N THR B 155 20.50 17.65 13.92
CA THR B 155 19.25 18.15 13.37
C THR B 155 19.55 19.12 12.27
N GLY B 157 17.16 21.87 9.53
CA GLY B 157 15.99 22.38 8.80
C GLY B 157 15.85 21.76 7.44
N TYR B 158 14.69 21.17 7.20
CA TYR B 158 14.50 20.33 6.02
C TYR B 158 14.55 21.04 4.68
N LYS B 159 15.60 20.70 3.92
CA LYS B 159 15.80 21.15 2.55
C LYS B 159 15.53 22.66 2.43
N HIS B 160 16.01 23.42 3.39
CA HIS B 160 15.72 24.87 3.38
C HIS B 160 16.16 25.63 2.14
N ARG B 161 17.28 25.21 1.56
CA ARG B 161 17.89 25.92 0.46
C ARG B 161 18.61 24.95 -0.43
N PRO B 162 18.75 25.27 -1.72
CA PRO B 162 19.55 24.35 -2.54
C PRO B 162 21.02 24.51 -2.33
N LEU B 163 21.72 23.43 -2.64
CA LEU B 163 23.15 23.35 -2.60
C LEU B 163 23.56 22.92 -3.99
N ASP B 164 24.68 23.42 -4.47
CA ASP B 164 25.18 23.10 -5.80
C ASP B 164 25.53 21.61 -5.89
N ALA B 165 24.83 20.87 -6.77
CA ALA B 165 24.97 19.42 -6.84
C ALA B 165 26.29 19.10 -7.50
N GLU B 166 26.76 20.04 -8.31
CA GLU B 166 28.01 19.83 -9.05
C GLU B 166 29.21 19.78 -8.08
N LYS B 167 29.15 20.65 -7.09
CA LYS B 167 30.20 20.71 -6.09
C LYS B 167 30.09 19.48 -5.19
N VAL B 168 28.85 19.05 -4.97
CA VAL B 168 28.64 17.90 -4.12
C VAL B 168 29.27 16.73 -4.85
N LEU B 169 29.06 16.68 -6.16
CA LEU B 169 29.56 15.55 -6.96
C LEU B 169 31.06 15.51 -6.87
N GLU B 170 31.68 16.68 -6.90
CA GLU B 170 33.13 16.77 -6.87
C GLU B 170 33.65 16.21 -5.57
N SER B 171 32.87 16.41 -4.53
CA SER B 171 33.28 15.98 -3.20
C SER B 171 33.18 14.47 -3.12
N VAL B 172 32.11 13.95 -3.65
CA VAL B 172 31.85 12.52 -3.56
C VAL B 172 32.85 11.72 -4.38
N LYS B 173 33.36 12.34 -5.44
CA LYS B 173 34.35 11.70 -6.31
C LYS B 173 35.72 11.62 -5.63
N LYS B 174 35.90 12.30 -4.50
CA LYS B 174 37.26 12.33 -3.92
C LYS B 174 37.64 11.00 -3.29
N PRO B 175 38.92 10.60 -3.41
CA PRO B 175 39.24 9.30 -2.79
C PRO B 175 38.95 9.10 -1.30
N VAL B 176 38.69 7.83 -1.01
CA VAL B 176 38.49 7.35 0.35
C VAL B 176 39.76 6.67 0.90
N PHE B 177 40.32 7.28 1.95
CA PHE B 177 41.58 6.83 2.55
C PHE B 177 41.22 6.18 3.90
N LEU B 178 41.82 5.00 4.15
CA LEU B 178 41.52 4.16 5.32
C LEU B 178 42.75 3.41 5.81
N LEU B 179 42.86 3.27 7.14
CA LEU B 179 43.83 2.34 7.76
C LEU B 179 43.19 1.03 8.00
N LYS B 180 43.78 0.04 7.34
CA LYS B 180 43.36 -1.35 7.39
C LYS B 180 44.35 -2.08 8.29
N ASN B 181 43.87 -2.40 9.48
CA ASN B 181 44.74 -2.89 10.57
C ASN B 181 44.22 -4.17 11.10
N ILE B 182 44.99 -5.23 10.96
CA ILE B 182 44.54 -6.59 11.35
C ILE B 182 45.61 -7.29 12.19
N PRO B 183 45.23 -7.75 13.38
CA PRO B 183 46.28 -8.44 14.15
C PRO B 183 46.61 -9.81 13.57
N ASN B 184 47.80 -10.27 13.90
CA ASN B 184 48.17 -11.67 13.71
C ASN B 184 47.58 -12.53 14.85
N VAL B 185 47.35 -13.80 14.57
CA VAL B 185 46.79 -14.70 15.57
C VAL B 185 47.64 -14.72 16.83
N ASP B 186 48.88 -14.28 16.69
CA ASP B 186 49.81 -14.29 17.83
C ASP B 186 49.85 -12.98 18.60
N GLY B 187 49.03 -12.00 18.20
CA GLY B 187 48.90 -10.74 18.97
C GLY B 187 49.72 -9.60 18.45
N THR B 188 50.57 -9.90 17.50
CA THR B 188 51.35 -8.87 16.85
C THR B 188 50.61 -8.40 15.57
N PRO B 189 51.05 -7.28 14.94
CA PRO B 189 50.38 -6.86 13.70
C PRO B 189 50.57 -7.81 12.53
N LEU B 190 49.50 -8.04 11.78
CA LEU B 190 49.62 -8.80 10.53
C LEU B 190 49.52 -7.89 9.31
N VAL B 191 48.55 -6.99 9.39
CA VAL B 191 48.29 -5.99 8.35
C VAL B 191 48.24 -4.62 8.99
N ASN B 192 48.90 -3.66 8.36
CA ASN B 192 48.82 -2.25 8.74
C ASN B 192 49.06 -1.43 7.45
N GLN B 193 47.99 -1.17 6.70
CA GLN B 193 48.08 -0.59 5.38
C GLN B 193 47.24 0.66 5.30
N LEU B 194 47.62 1.59 4.43
CA LEU B 194 46.72 2.67 4.06
C LEU B 194 46.16 2.28 2.71
N THR B 195 44.85 2.32 2.59
CA THR B 195 44.20 1.98 1.34
C THR B 195 43.51 3.22 0.75
N LYS B 196 43.32 3.19 -0.55
CA LYS B 196 42.63 4.27 -1.27
C LYS B 196 41.63 3.71 -2.23
N THR B 197 40.40 4.20 -2.12
CA THR B 197 39.30 3.74 -2.99
C THR B 197 38.53 4.92 -3.56
N TYR B 198 38.11 4.79 -4.82
CA TYR B 198 37.26 5.82 -5.46
C TYR B 198 35.88 5.32 -5.79
N LEU B 199 34.86 6.06 -5.33
CA LEU B 199 33.47 5.74 -5.65
C LEU B 199 33.27 6.05 -7.14
N THR B 200 32.43 5.25 -7.78
CA THR B 200 32.21 5.36 -9.23
C THR B 200 30.73 5.44 -9.58
N ASP B 201 30.48 5.86 -10.82
CA ASP B 201 29.12 5.91 -11.36
C ASP B 201 28.20 6.64 -10.41
N ILE B 202 28.62 7.85 -10.01
CA ILE B 202 27.88 8.67 -9.10
C ILE B 202 26.91 9.58 -9.82
N THR B 203 25.71 9.66 -9.25
CA THR B 203 24.71 10.64 -9.63
C THR B 203 24.21 11.35 -8.37
N VAL B 204 24.33 12.66 -8.32
CA VAL B 204 23.76 13.44 -7.25
C VAL B 204 22.38 13.83 -7.76
N LYS B 205 21.35 13.28 -7.13
CA LYS B 205 19.97 13.45 -7.58
C LYS B 205 19.32 14.69 -6.96
N GLY B 206 19.91 15.16 -5.85
CA GLY B 206 19.40 16.32 -5.11
C GLY B 206 20.38 16.70 -4.01
N ALA B 207 20.44 17.99 -3.72
CA ALA B 207 21.29 18.52 -2.65
C ALA B 207 20.78 19.83 -2.05
N TRP B 208 20.79 19.87 -0.73
CA TRP B 208 20.30 21.02 0.04
C TRP B 208 21.16 21.36 1.26
N THR B 209 20.92 22.57 1.72
CA THR B 209 21.50 23.07 2.96
C THR B 209 20.41 23.76 3.81
N GLY B 210 20.81 24.21 4.98
CA GLY B 210 19.87 24.76 5.94
C GLY B 210 20.50 24.88 7.30
N PRO B 211 19.76 25.41 8.28
CA PRO B 211 20.36 25.49 9.60
C PRO B 211 20.59 24.07 10.16
N GLY B 212 21.60 23.90 11.02
CA GLY B 212 21.86 22.61 11.61
C GLY B 212 22.32 22.66 13.06
N SER B 213 22.28 21.51 13.70
CA SER B 213 22.80 21.32 15.07
C SER B 213 23.40 19.93 15.23
N LEU B 214 24.40 19.90 16.10
CA LEU B 214 25.02 18.65 16.50
C LEU B 214 25.30 18.65 17.97
N GLU B 215 25.04 17.50 18.60
CA GLU B 215 25.33 17.29 20.03
C GLU B 215 26.00 15.92 20.20
N LEU B 216 27.11 15.86 20.94
CA LEU B 216 27.82 14.58 21.19
C LEU B 216 27.85 14.26 22.67
N HIS B 217 27.88 12.96 22.96
CA HIS B 217 27.94 12.46 24.34
C HIS B 217 28.99 11.38 24.43
N PRO B 218 29.68 11.29 25.57
CA PRO B 218 30.75 10.31 25.71
C PRO B 218 30.30 8.83 25.80
N HIS B 219 31.21 7.94 25.42
CA HIS B 219 31.08 6.47 25.60
C HIS B 219 32.51 5.94 25.52
N ALA B 220 32.81 5.09 26.49
CA ALA B 220 34.14 4.52 26.61
C ALA B 220 34.57 3.75 25.35
N LEU B 221 33.61 3.16 24.65
CA LEU B 221 33.91 2.31 23.50
C LEU B 221 33.50 2.97 22.20
N ALA B 222 33.08 4.23 22.29
CA ALA B 222 32.73 4.98 21.11
C ALA B 222 32.99 6.46 21.39
N PRO B 223 34.28 6.82 21.57
CA PRO B 223 34.72 8.12 22.13
C PRO B 223 34.69 9.30 21.14
N ILE B 224 33.68 9.29 20.28
CA ILE B 224 33.51 10.28 19.23
C ILE B 224 33.49 11.73 19.77
N SER B 225 32.96 11.89 20.99
CA SER B 225 32.84 13.22 21.65
C SER B 225 34.23 13.82 21.99
N ASN B 226 35.25 12.98 21.93
CA ASN B 226 36.60 13.45 22.18
C ASN B 226 36.96 14.57 21.16
N LEU B 227 36.35 14.50 19.98
CA LEU B 227 36.57 15.47 18.93
C LEU B 227 35.46 16.49 19.08
N TYR B 228 35.73 17.41 19.99
CA TYR B 228 34.74 18.37 20.45
C TYR B 228 34.48 19.45 19.42
N ILE B 229 33.33 20.08 19.59
CA ILE B 229 32.79 20.99 18.61
C ILE B 229 33.11 22.42 18.96
N LYS B 230 33.93 23.07 18.14
CA LYS B 230 34.26 24.50 18.32
C LYS B 230 33.17 25.33 17.62
N LYS B 231 32.77 24.90 16.43
CA LYS B 231 31.68 25.55 15.70
C LYS B 231 31.29 24.74 14.48
N ILE B 232 30.03 24.87 14.05
CA ILE B 232 29.55 24.21 12.84
C ILE B 232 29.96 25.08 11.66
N VAL B 233 30.57 24.46 10.66
CA VAL B 233 31.11 25.18 9.50
C VAL B 233 30.31 24.94 8.23
N SER B 234 29.55 23.84 8.19
CA SER B 234 28.68 23.51 7.05
C SER B 234 27.62 22.47 7.42
N VAL B 235 26.53 22.49 6.68
CA VAL B 235 25.37 21.59 6.87
C VAL B 235 24.89 21.20 5.45
N SER B 236 24.86 19.92 5.17
CA SER B 236 24.49 19.39 3.84
C SER B 236 23.56 18.17 3.94
N HIS B 237 22.63 18.11 3.00
CA HIS B 237 21.77 16.94 2.78
C HIS B 237 21.77 16.65 1.28
N PHE B 238 22.12 15.44 0.90
CA PHE B 238 22.10 15.07 -0.54
C PHE B 238 21.78 13.57 -0.73
N ILE B 239 21.19 13.27 -1.89
CA ILE B 239 20.81 11.90 -2.23
C ILE B 239 21.46 11.48 -3.54
N THR B 240 21.94 10.26 -3.54
CA THR B 240 22.72 9.79 -4.66
C THR B 240 22.42 8.37 -5.03
N ASP B 241 22.92 8.05 -6.21
CA ASP B 241 23.14 6.67 -6.68
C ASP B 241 24.64 6.60 -6.90
N LEU B 242 25.29 5.53 -6.43
CA LEU B 242 26.72 5.37 -6.60
C LEU B 242 27.15 3.92 -6.37
N THR B 243 28.39 3.68 -6.76
CA THR B 243 28.98 2.34 -6.73
C THR B 243 30.23 2.40 -5.86
N LEU B 244 30.36 1.38 -5.01
CA LEU B 244 31.56 1.17 -4.21
C LEU B 244 32.32 0.00 -4.82
N PRO B 245 33.45 0.31 -5.49
CA PRO B 245 34.24 -0.77 -6.01
C PRO B 245 35.45 -1.11 -5.13
N TYR B 246 36.29 -1.97 -5.67
CA TYR B 246 37.55 -2.35 -4.99
C TYR B 246 38.51 -1.18 -5.09
N GLY B 247 39.49 -1.22 -4.21
CA GLY B 247 40.51 -0.22 -4.08
C GLY B 247 41.91 -0.79 -4.17
N LYS B 248 42.87 0.03 -3.73
CA LYS B 248 44.27 -0.33 -3.74
C LYS B 248 45.02 0.10 -2.48
N VAL B 249 46.04 -0.67 -2.18
CA VAL B 249 46.98 -0.36 -1.09
C VAL B 249 47.96 0.73 -1.51
N VAL B 250 48.07 1.78 -0.70
CA VAL B 250 48.93 2.91 -1.07
C VAL B 250 50.11 3.12 -0.11
N ALA B 251 50.06 2.43 1.02
CA ALA B 251 51.16 2.40 1.97
C ALA B 251 51.05 1.10 2.79
N ASP B 252 52.21 0.56 3.14
CA ASP B 252 52.31 -0.63 4.02
C ASP B 252 53.31 -0.31 5.11
N TYR B 253 52.80 -0.13 6.32
CA TYR B 253 53.61 0.28 7.47
C TYR B 253 54.34 -0.92 8.07
N LEU B 254 54.10 -2.10 7.51
CA LEU B 254 54.76 -3.30 8.02
C LEU B 254 55.99 -3.66 7.17
N ALA B 255 56.06 -3.06 5.99
CA ALA B 255 57.24 -3.16 5.14
C ALA B 255 57.97 -1.86 5.45
N SER C 7 5.67 -34.80 8.83
CA SER C 7 5.01 -33.93 7.79
C SER C 7 4.33 -34.72 6.69
N ALA C 8 3.05 -34.45 6.56
CA ALA C 8 2.27 -35.00 5.48
C ALA C 8 0.92 -34.37 5.43
N ASN C 9 0.38 -34.42 4.22
N ASN C 9 0.38 -34.40 4.22
CA ASN C 9 -0.97 -34.04 3.86
CA ASN C 9 -0.98 -33.99 3.88
C ASN C 9 -1.68 -35.33 3.46
C ASN C 9 -1.69 -35.27 3.42
N SER C 10 -2.97 -35.40 3.77
CA SER C 10 -3.78 -36.57 3.36
C SER C 10 -4.10 -36.46 1.85
N LEU C 11 -3.96 -35.25 1.31
CA LEU C 11 -4.27 -35.01 -0.11
C LEU C 11 -3.25 -35.69 -1.00
N GLU C 12 -3.60 -35.76 -2.28
CA GLU C 12 -2.73 -36.38 -3.28
C GLU C 12 -3.56 -37.12 -4.35
N GLY C 13 -4.09 -36.38 -5.34
CA GLY C 13 -3.95 -34.92 -5.44
C GLY C 13 -5.16 -34.26 -6.08
N VAL C 14 -5.42 -34.66 -7.33
CA VAL C 14 -6.63 -34.25 -8.08
C VAL C 14 -7.62 -35.42 -7.92
N ILE C 15 -7.31 -36.26 -6.93
CA ILE C 15 -8.16 -37.42 -6.60
C ILE C 15 -9.50 -36.89 -6.10
N ASP C 16 -9.44 -35.80 -5.33
CA ASP C 16 -10.65 -35.16 -4.77
C ASP C 16 -11.10 -34.09 -5.73
N ASN C 17 -11.99 -34.54 -6.57
CA ASN C 17 -12.61 -33.77 -7.60
C ASN C 17 -14.04 -33.67 -7.16
N GLU C 18 -14.27 -32.69 -6.33
CA GLU C 18 -15.52 -32.48 -5.60
C GLU C 18 -16.72 -32.15 -6.49
N PHE C 19 -16.45 -31.55 -7.65
CA PHE C 19 -17.53 -31.10 -8.53
C PHE C 19 -17.51 -31.82 -9.86
N SER C 20 -16.69 -32.86 -9.90
CA SER C 20 -16.62 -33.75 -11.04
C SER C 20 -16.21 -33.09 -12.35
N PRO C 22 -14.06 -32.59 -15.60
CA PRO C 22 -13.22 -33.47 -16.42
C PRO C 22 -11.71 -33.15 -16.26
N ALA C 23 -11.39 -31.87 -16.12
CA ALA C 23 -10.01 -31.43 -15.88
C ALA C 23 -9.95 -30.62 -14.57
N PRO C 24 -9.73 -31.30 -13.45
CA PRO C 24 -9.77 -30.62 -12.19
C PRO C 24 -8.55 -29.81 -11.80
N ARG C 25 -8.86 -28.86 -10.93
CA ARG C 25 -7.92 -27.94 -10.31
C ARG C 25 -7.38 -28.62 -9.06
N TRP C 26 -6.07 -28.64 -8.97
CA TRP C 26 -5.36 -29.25 -7.86
C TRP C 26 -5.64 -28.56 -6.51
N LEU C 27 -5.66 -27.25 -6.49
CA LEU C 27 -5.86 -26.55 -5.24
C LEU C 27 -7.35 -26.25 -5.07
N ASN C 28 -7.97 -26.86 -4.07
CA ASN C 28 -9.38 -26.64 -3.80
C ASN C 28 -9.59 -25.49 -2.83
N THR C 29 -10.74 -24.82 -3.00
CA THR C 29 -11.14 -23.71 -2.14
C THR C 29 -12.34 -24.01 -1.26
N TYR C 30 -13.18 -24.93 -1.71
CA TYR C 30 -14.42 -25.22 -1.01
C TYR C 30 -14.86 -26.61 -1.41
N PRO C 31 -15.39 -27.39 -0.46
CA PRO C 31 -15.89 -28.72 -0.78
C PRO C 31 -17.32 -28.68 -1.36
N ALA C 32 -17.80 -29.82 -1.82
CA ALA C 32 -19.18 -29.94 -2.30
C ALA C 32 -20.12 -29.93 -1.11
N GLY C 33 -21.38 -29.55 -1.37
CA GLY C 33 -22.46 -29.58 -0.37
C GLY C 33 -23.26 -30.87 -0.58
N PRO C 34 -24.49 -30.93 -0.02
CA PRO C 34 -25.10 -29.81 0.77
C PRO C 34 -24.35 -29.47 2.05
N TYR C 35 -24.65 -28.29 2.58
CA TYR C 35 -23.99 -27.71 3.79
C TYR C 35 -24.95 -27.53 4.96
N ARG C 36 -24.57 -28.11 6.09
CA ARG C 36 -25.38 -28.11 7.31
C ARG C 36 -24.91 -27.00 8.24
N PHE C 37 -25.88 -26.25 8.73
CA PHE C 37 -25.70 -25.10 9.62
C PHE C 37 -26.37 -25.40 10.96
N ILE C 38 -25.55 -25.40 12.03
CA ILE C 38 -26.07 -25.53 13.37
C ILE C 38 -25.94 -24.18 14.09
N ASN C 39 -27.01 -23.78 14.75
CA ASN C 39 -27.07 -22.50 15.45
C ASN C 39 -26.79 -21.27 14.58
N ARG C 40 -27.30 -21.36 13.36
CA ARG C 40 -27.36 -20.23 12.45
C ARG C 40 -28.37 -19.20 12.99
N GLU C 41 -27.79 -18.08 13.38
CA GLU C 41 -28.47 -17.04 14.13
C GLU C 41 -28.63 -15.73 13.33
N PHE C 42 -29.88 -15.36 13.14
CA PHE C 42 -30.26 -14.24 12.29
C PHE C 42 -30.69 -13.05 13.16
N PHE C 43 -30.17 -11.89 12.83
CA PHE C 43 -30.65 -10.61 13.37
C PHE C 43 -30.97 -9.71 12.15
N ILE C 44 -32.24 -9.35 11.99
CA ILE C 44 -32.71 -8.65 10.80
C ILE C 44 -33.48 -7.42 11.19
N ILE C 45 -33.11 -6.31 10.58
CA ILE C 45 -33.83 -5.02 10.73
C ILE C 45 -34.27 -4.66 9.33
N ALA C 46 -35.58 -4.73 9.16
CA ALA C 46 -36.21 -4.39 7.92
C ALA C 46 -36.56 -2.93 7.96
N TYR C 47 -36.24 -2.25 6.87
CA TYR C 47 -36.53 -0.82 6.77
C TYR C 47 -37.09 -0.45 5.41
N GLU C 48 -37.90 0.60 5.43
CA GLU C 48 -38.42 1.19 4.22
C GLU C 48 -37.36 2.08 3.58
N THR C 49 -37.31 2.02 2.26
CA THR C 49 -36.41 2.85 1.48
C THR C 49 -37.13 3.38 0.23
N ASP C 50 -36.37 4.02 -0.66
CA ASP C 50 -36.91 4.55 -1.92
C ASP C 50 -37.13 3.41 -2.88
N PRO C 51 -38.39 3.18 -3.26
CA PRO C 51 -38.75 2.06 -4.13
C PRO C 51 -38.09 2.09 -5.50
N ASP C 52 -37.68 3.27 -5.93
CA ASP C 52 -37.09 3.43 -7.27
C ASP C 52 -35.65 2.96 -7.32
N LEU C 53 -34.96 3.09 -6.21
CA LEU C 53 -33.60 2.66 -6.11
C LEU C 53 -33.63 1.14 -6.25
N LEU C 54 -34.61 0.55 -5.60
CA LEU C 54 -34.72 -0.91 -5.58
C LEU C 54 -35.17 -1.44 -6.93
N GLN C 55 -36.15 -0.77 -7.50
CA GLN C 55 -36.69 -1.22 -8.75
C GLN C 55 -35.61 -1.29 -9.83
N ALA C 56 -34.73 -0.32 -9.80
CA ALA C 56 -33.64 -0.18 -10.77
C ALA C 56 -32.62 -1.32 -10.69
N ILE C 57 -32.59 -2.01 -9.56
CA ILE C 57 -31.57 -3.04 -9.28
C ILE C 57 -32.06 -4.42 -9.69
N LEU C 58 -33.38 -4.58 -9.72
CA LEU C 58 -33.96 -5.92 -9.96
C LEU C 58 -33.80 -6.40 -11.38
N PRO C 59 -33.63 -7.71 -11.58
CA PRO C 59 -33.57 -8.27 -12.91
C PRO C 59 -34.93 -8.38 -13.59
N PRO C 60 -34.91 -8.68 -14.89
CA PRO C 60 -36.14 -8.75 -15.66
C PRO C 60 -37.21 -9.62 -15.03
N ASP C 61 -38.41 -9.08 -15.04
CA ASP C 61 -39.66 -9.73 -14.62
C ASP C 61 -39.79 -9.90 -13.13
N GLU C 63 -40.43 -8.45 -9.49
N GLU C 63 -40.45 -8.44 -9.51
CA GLU C 63 -41.20 -7.34 -8.91
CA GLU C 63 -41.17 -7.31 -8.91
C GLU C 63 -40.95 -7.16 -7.41
C GLU C 63 -40.88 -7.14 -7.43
N LEU C 64 -40.98 -5.90 -7.01
CA LEU C 64 -40.75 -5.55 -5.62
C LEU C 64 -42.04 -5.82 -4.85
N LEU C 65 -41.99 -6.64 -3.81
CA LEU C 65 -43.17 -6.88 -2.97
C LEU C 65 -43.50 -5.64 -2.15
N GLU C 66 -42.44 -4.98 -1.66
CA GLU C 66 -42.54 -3.72 -0.90
C GLU C 66 -41.22 -2.94 -0.96
N PRO C 67 -41.26 -1.62 -0.71
CA PRO C 67 -40.07 -0.79 -0.82
C PRO C 67 -39.25 -0.91 0.46
N VAL C 68 -38.77 -2.12 0.68
CA VAL C 68 -38.13 -2.49 1.94
C VAL C 68 -36.83 -3.23 1.71
N VAL C 69 -35.83 -2.90 2.52
CA VAL C 69 -34.60 -3.67 2.57
C VAL C 69 -34.58 -4.39 3.92
N LYS C 70 -34.18 -5.66 3.88
CA LYS C 70 -33.98 -6.43 5.09
C LYS C 70 -32.50 -6.52 5.36
N PHE C 71 -32.08 -5.82 6.42
CA PHE C 71 -30.67 -5.81 6.80
C PHE C 71 -30.43 -6.86 7.83
N GLU C 72 -29.47 -7.72 7.52
CA GLU C 72 -29.20 -8.86 8.34
C GLU C 72 -27.75 -8.97 8.79
N PHE C 73 -27.64 -9.56 9.97
CA PHE C 73 -26.40 -10.09 10.48
C PHE C 73 -26.71 -11.52 10.71
N ILE C 74 -25.79 -12.37 10.32
CA ILE C 74 -25.99 -13.84 10.50
C ILE C 74 -24.73 -14.48 11.04
N ARG C 75 -24.89 -15.11 12.19
CA ARG C 75 -23.81 -15.83 12.86
C ARG C 75 -23.92 -17.30 12.51
N PRO C 77 -21.70 -20.25 13.44
CA PRO C 77 -20.56 -20.77 14.17
C PRO C 77 -20.15 -22.19 13.89
N ASP C 78 -20.98 -22.89 13.13
CA ASP C 78 -20.80 -24.35 12.87
C ASP C 78 -21.46 -24.67 11.55
N SER C 79 -20.69 -24.57 10.47
CA SER C 79 -21.20 -24.73 9.12
C SER C 79 -20.34 -25.79 8.48
N THR C 80 -20.92 -26.92 8.11
CA THR C 80 -20.09 -27.98 7.54
C THR C 80 -19.50 -27.47 6.23
N GLY C 81 -18.22 -27.74 6.02
CA GLY C 81 -17.55 -27.41 4.79
C GLY C 81 -17.01 -26.01 4.77
N PHE C 82 -17.75 -25.09 5.36
CA PHE C 82 -17.43 -23.67 5.33
C PHE C 82 -16.82 -23.12 6.60
N GLY C 83 -17.11 -23.70 7.75
CA GLY C 83 -16.47 -23.26 8.98
C GLY C 83 -17.29 -22.47 9.98
N ASP C 84 -16.60 -21.49 10.54
CA ASP C 84 -17.04 -20.66 11.66
C ASP C 84 -16.85 -19.20 11.28
N TYR C 85 -17.96 -18.59 10.90
CA TYR C 85 -17.93 -17.23 10.40
C TYR C 85 -19.17 -16.43 10.62
N THR C 86 -19.12 -15.19 10.15
CA THR C 86 -20.25 -14.24 10.31
C THR C 86 -20.51 -13.55 8.98
N GLU C 87 -21.77 -13.18 8.77
CA GLU C 87 -22.21 -12.51 7.53
C GLU C 87 -23.09 -11.32 7.93
N SER C 88 -23.06 -10.31 7.08
CA SER C 88 -24.02 -9.19 7.08
C SER C 88 -24.39 -8.79 5.64
N GLY C 89 -25.59 -8.26 5.44
CA GLY C 89 -25.97 -7.87 4.10
C GLY C 89 -27.39 -7.40 3.99
N GLN C 90 -27.82 -7.24 2.75
CA GLN C 90 -29.13 -6.65 2.41
C GLN C 90 -29.90 -7.56 1.48
N VAL C 91 -31.13 -7.87 1.88
CA VAL C 91 -32.03 -8.68 1.08
C VAL C 91 -33.29 -7.91 0.82
N VAL C 92 -33.77 -8.01 -0.42
CA VAL C 92 -35.01 -7.36 -0.84
C VAL C 92 -36.18 -8.35 -1.03
N PRO C 93 -37.33 -8.06 -0.40
CA PRO C 93 -38.49 -8.92 -0.68
C PRO C 93 -39.05 -8.72 -2.07
N VAL C 94 -39.18 -9.83 -2.78
CA VAL C 94 -39.60 -9.79 -4.15
C VAL C 94 -40.61 -10.88 -4.53
N ARG C 95 -41.24 -10.66 -5.69
CA ARG C 95 -42.07 -11.65 -6.29
C ARG C 95 -41.52 -11.92 -7.67
N TYR C 96 -41.28 -13.21 -7.95
CA TYR C 96 -40.83 -13.62 -9.27
C TYR C 96 -41.68 -14.78 -9.81
N LYS C 97 -42.32 -14.54 -10.94
CA LYS C 97 -43.13 -15.55 -11.58
C LYS C 97 -44.12 -16.17 -10.61
N GLY C 98 -44.74 -15.33 -9.81
CA GLY C 98 -45.84 -15.75 -8.95
C GLY C 98 -45.38 -16.18 -7.58
N GLU C 99 -44.08 -16.27 -7.41
CA GLU C 99 -43.52 -16.80 -6.20
C GLU C 99 -42.86 -15.70 -5.38
N GLU C 100 -43.21 -15.63 -4.10
CA GLU C 100 -42.53 -14.67 -3.21
C GLU C 100 -41.27 -15.24 -2.58
N GLY C 101 -40.22 -14.44 -2.62
CA GLY C 101 -38.97 -14.77 -1.98
C GLY C 101 -38.10 -13.55 -1.73
N GLY C 102 -36.80 -13.79 -1.68
CA GLY C 102 -35.85 -12.75 -1.41
C GLY C 102 -34.79 -12.67 -2.47
N PHE C 103 -34.29 -11.46 -2.68
CA PHE C 103 -33.27 -11.16 -3.66
C PHE C 103 -32.09 -10.51 -2.91
N THR C 104 -30.98 -11.21 -2.83
CA THR C 104 -29.80 -10.67 -2.12
C THR C 104 -29.01 -9.72 -3.01
N ILE C 105 -28.79 -8.52 -2.49
CA ILE C 105 -28.12 -7.45 -3.22
C ILE C 105 -26.75 -7.11 -2.65
N SER C 106 -26.53 -7.45 -1.38
CA SER C 106 -25.21 -7.31 -0.75
C SER C 106 -25.02 -8.30 0.39
N PHE C 108 -21.48 -9.64 3.01
CA PHE C 108 -20.13 -9.48 3.51
C PHE C 108 -19.89 -10.58 4.51
N LEU C 109 -18.78 -11.30 4.30
CA LEU C 109 -18.35 -12.38 5.17
C LEU C 109 -16.89 -12.20 5.59
N ASP C 110 -16.56 -12.80 6.73
CA ASP C 110 -15.17 -12.83 7.25
C ASP C 110 -14.40 -14.15 7.04
N CYS C 111 -14.84 -14.94 6.06
CA CYS C 111 -14.22 -16.25 5.77
C CYS C 111 -14.28 -16.46 4.27
N HIS C 112 -13.12 -16.77 3.66
CA HIS C 112 -13.06 -16.86 2.18
C HIS C 112 -13.71 -18.10 1.58
N ALA C 113 -13.65 -19.25 2.23
CA ALA C 113 -14.27 -20.43 1.63
C ALA C 113 -15.77 -20.20 1.26
N PRO C 114 -16.60 -19.71 2.21
CA PRO C 114 -18.02 -19.44 1.85
C PRO C 114 -18.24 -18.30 0.85
N ILE C 115 -17.21 -17.44 0.71
CA ILE C 115 -17.27 -16.33 -0.23
C ILE C 115 -17.11 -16.84 -1.63
N ALA C 116 -16.05 -17.65 -1.86
CA ALA C 116 -15.73 -18.17 -3.18
C ALA C 116 -16.82 -19.14 -3.52
N GLY C 117 -17.19 -20.00 -2.56
CA GLY C 117 -18.29 -20.93 -2.76
C GLY C 117 -19.64 -20.27 -3.09
N GLY C 118 -19.99 -19.25 -2.30
CA GLY C 118 -21.26 -18.57 -2.45
C GLY C 118 -21.35 -17.91 -3.80
N ARG C 119 -20.24 -17.28 -4.19
CA ARG C 119 -20.21 -16.56 -5.47
C ARG C 119 -20.26 -17.53 -6.66
N GLU C 120 -19.51 -18.63 -6.57
CA GLU C 120 -19.24 -19.49 -7.71
C GLU C 120 -20.29 -20.59 -7.90
N ILE C 121 -20.95 -20.97 -6.81
CA ILE C 121 -22.02 -21.95 -6.92
C ILE C 121 -23.39 -21.29 -7.21
N TRP C 122 -23.95 -20.62 -6.19
CA TRP C 122 -25.29 -20.00 -6.30
C TRP C 122 -25.28 -18.62 -6.91
N GLY C 123 -24.21 -17.87 -6.69
CA GLY C 123 -24.12 -16.46 -7.14
C GLY C 123 -24.41 -15.41 -6.06
N PHE C 124 -24.16 -15.75 -4.82
CA PHE C 124 -24.34 -14.72 -3.76
C PHE C 124 -23.35 -13.61 -4.03
N PRO C 125 -23.80 -12.34 -3.91
CA PRO C 125 -22.90 -11.21 -4.15
C PRO C 125 -22.03 -10.93 -2.93
N LYS C 127 -18.65 -10.27 -0.60
CA LYS C 127 -17.34 -9.61 -0.48
C LYS C 127 -16.77 -9.91 0.90
N LEU C 128 -15.48 -9.76 1.05
CA LEU C 128 -14.79 -9.90 2.36
C LEU C 128 -14.88 -8.63 3.21
N ALA C 129 -15.30 -8.80 4.44
CA ALA C 129 -15.30 -7.71 5.43
C ALA C 129 -15.28 -8.31 6.84
N LYS C 130 -15.61 -7.49 7.83
CA LYS C 130 -15.55 -7.90 9.23
C LYS C 130 -16.87 -7.66 9.93
N PRO C 131 -17.87 -8.54 9.67
CA PRO C 131 -19.14 -8.48 10.42
C PRO C 131 -18.97 -9.14 11.76
N LYS C 132 -19.64 -8.53 12.74
N LYS C 132 -19.59 -8.52 12.76
CA LYS C 132 -19.65 -9.03 14.09
CA LYS C 132 -19.61 -9.08 14.11
C LYS C 132 -21.08 -9.02 14.63
C LYS C 132 -21.01 -9.00 14.71
N LEU C 133 -21.45 -10.10 15.31
CA LEU C 133 -22.75 -10.15 16.02
C LEU C 133 -22.49 -10.56 17.47
N PHE C 134 -23.00 -9.78 18.41
CA PHE C 134 -22.68 -10.12 19.78
C PHE C 134 -23.64 -9.47 20.74
N VAL C 135 -23.61 -9.93 21.99
CA VAL C 135 -24.44 -9.37 23.04
C VAL C 135 -23.59 -8.56 24.02
N GLU C 136 -24.06 -7.38 24.34
CA GLU C 136 -23.41 -6.59 25.31
C GLU C 136 -24.49 -6.14 26.25
N GLU C 137 -24.47 -6.78 27.41
CA GLU C 137 -25.45 -6.63 28.51
C GLU C 137 -26.86 -6.97 28.04
N ASP C 138 -27.66 -5.94 27.89
CA ASP C 138 -29.05 -6.15 27.45
C ASP C 138 -29.30 -5.78 26.00
N THR C 139 -28.24 -5.65 25.23
CA THR C 139 -28.35 -5.29 23.79
C THR C 139 -27.67 -6.32 22.90
N LEU C 140 -28.40 -6.71 21.86
CA LEU C 140 -27.83 -7.48 20.74
C LEU C 140 -27.30 -6.47 19.71
N ILE C 141 -26.03 -6.63 19.35
CA ILE C 141 -25.40 -5.69 18.44
C ILE C 141 -24.79 -6.35 17.25
N GLY C 142 -24.95 -5.69 16.11
CA GLY C 142 -24.27 -6.06 14.89
C GLY C 142 -23.49 -4.88 14.38
N ILE C 143 -22.18 -5.10 14.14
CA ILE C 143 -21.31 -4.09 13.52
C ILE C 143 -20.62 -4.65 12.28
N LEU C 144 -20.84 -3.96 11.16
CA LEU C 144 -20.22 -4.36 9.90
C LEU C 144 -19.11 -3.39 9.59
N LYS C 145 -17.87 -3.88 9.66
CA LYS C 145 -16.73 -3.06 9.37
C LYS C 145 -16.13 -3.51 8.03
N TYR C 146 -15.79 -2.54 7.22
CA TYR C 146 -15.19 -2.73 5.87
C TYR C 146 -13.89 -1.93 5.85
N GLY C 147 -12.78 -2.66 5.99
CA GLY C 147 -11.50 -2.03 6.17
C GLY C 147 -11.52 -1.28 7.48
N SER C 148 -11.28 0.02 7.45
CA SER C 148 -11.21 0.81 8.68
C SER C 148 -12.57 1.38 9.02
N ILE C 149 -13.50 1.25 8.10
N ILE C 149 -13.52 1.13 8.14
CA ILE C 149 -14.79 1.94 8.26
CA ILE C 149 -14.79 1.84 8.21
C ILE C 149 -15.98 1.09 8.69
C ILE C 149 -16.00 1.05 8.70
N ASP C 150 -16.66 1.57 9.74
CA ASP C 150 -17.88 0.96 10.21
C ASP C 150 -19.04 1.36 9.29
N ILE C 151 -19.48 0.46 8.42
CA ILE C 151 -20.50 0.82 7.42
C ILE C 151 -21.95 0.51 7.89
N ALA C 152 -22.12 -0.33 8.92
CA ALA C 152 -23.45 -0.57 9.49
C ALA C 152 -23.31 -0.94 11.01
N ILE C 153 -24.22 -0.37 11.80
CA ILE C 153 -24.35 -0.63 13.22
C ILE C 153 -25.84 -0.81 13.44
N ALA C 154 -26.20 -1.99 13.94
CA ALA C 154 -27.57 -2.33 14.29
C ALA C 154 -27.58 -2.76 15.76
N THR C 155 -28.67 -2.41 16.44
CA THR C 155 -28.87 -2.78 17.84
C THR C 155 -30.32 -3.21 18.05
N GLY C 157 -32.94 -4.45 21.62
CA GLY C 157 -33.28 -4.94 22.96
C GLY C 157 -33.33 -6.47 22.93
N TYR C 158 -32.54 -7.06 23.81
CA TYR C 158 -32.35 -8.53 23.84
C TYR C 158 -33.58 -9.33 24.17
N LYS C 159 -34.07 -10.06 23.15
CA LYS C 159 -35.23 -10.99 23.27
C LYS C 159 -36.37 -10.41 24.12
N HIS C 160 -36.77 -9.19 23.80
CA HIS C 160 -37.76 -8.53 24.62
C HIS C 160 -39.11 -9.21 24.60
N ARG C 161 -39.49 -9.74 23.44
CA ARG C 161 -40.80 -10.41 23.25
C ARG C 161 -40.63 -11.61 22.33
N PRO C 162 -41.48 -12.64 22.46
CA PRO C 162 -41.31 -13.70 21.49
C PRO C 162 -41.96 -13.35 20.18
N LEU C 163 -41.53 -14.07 19.17
CA LEU C 163 -41.99 -13.94 17.80
C LEU C 163 -42.44 -15.33 17.40
N ASP C 164 -43.57 -15.39 16.70
CA ASP C 164 -44.18 -16.65 16.23
C ASP C 164 -43.16 -17.45 15.36
N ALA C 165 -42.67 -18.57 15.90
CA ALA C 165 -41.63 -19.35 15.21
C ALA C 165 -42.10 -19.97 13.90
N GLU C 166 -43.40 -20.20 13.77
CA GLU C 166 -43.99 -20.80 12.54
C GLU C 166 -43.99 -19.83 11.41
N LYS C 167 -44.25 -18.56 11.70
CA LYS C 167 -44.17 -17.52 10.66
C LYS C 167 -42.71 -17.31 10.23
N VAL C 168 -41.79 -17.39 11.17
CA VAL C 168 -40.37 -17.28 10.84
C VAL C 168 -39.98 -18.46 9.91
N LEU C 169 -40.47 -19.66 10.23
CA LEU C 169 -40.12 -20.85 9.43
C LEU C 169 -40.61 -20.60 8.02
N GLU C 170 -41.80 -20.02 7.93
CA GLU C 170 -42.40 -19.80 6.61
C GLU C 170 -41.53 -18.87 5.79
N SER C 171 -40.98 -17.89 6.48
CA SER C 171 -40.11 -16.91 5.87
C SER C 171 -38.79 -17.55 5.39
N VAL C 172 -38.19 -18.38 6.24
CA VAL C 172 -36.90 -18.99 5.94
C VAL C 172 -37.01 -19.96 4.77
N LYS C 173 -38.22 -20.51 4.60
CA LYS C 173 -38.52 -21.48 3.53
C LYS C 173 -38.67 -20.86 2.15
N LYS C 174 -38.77 -19.53 2.12
CA LYS C 174 -38.95 -18.81 0.84
C LYS C 174 -37.69 -18.90 -0.03
N PRO C 175 -37.90 -18.89 -1.37
CA PRO C 175 -36.77 -19.04 -2.27
C PRO C 175 -35.81 -17.87 -2.19
N VAL C 176 -34.58 -18.23 -2.49
CA VAL C 176 -33.43 -17.37 -2.50
C VAL C 176 -33.10 -17.17 -3.98
N PHE C 177 -33.36 -15.96 -4.49
CA PHE C 177 -33.06 -15.55 -5.87
C PHE C 177 -31.73 -14.75 -5.90
N LEU C 178 -30.85 -15.11 -6.83
CA LEU C 178 -29.53 -14.46 -6.94
C LEU C 178 -29.12 -14.25 -8.40
N LEU C 179 -28.39 -13.17 -8.68
CA LEU C 179 -27.75 -13.01 -10.02
C LEU C 179 -26.35 -13.53 -9.97
N LYS C 180 -26.10 -14.58 -10.73
CA LYS C 180 -24.79 -15.21 -10.84
C LYS C 180 -24.13 -14.67 -12.12
N ASN C 181 -23.18 -13.78 -11.94
CA ASN C 181 -22.57 -13.04 -13.03
C ASN C 181 -21.07 -13.27 -12.97
N ILE C 182 -20.56 -13.84 -14.04
CA ILE C 182 -19.15 -14.19 -14.14
C ILE C 182 -18.65 -13.82 -15.51
N PRO C 183 -17.54 -13.06 -15.54
CA PRO C 183 -17.00 -12.65 -16.83
C PRO C 183 -16.25 -13.76 -17.47
N ASN C 184 -16.08 -13.59 -18.77
CA ASN C 184 -15.24 -14.41 -19.59
C ASN C 184 -13.81 -13.88 -19.47
N VAL C 185 -12.84 -14.72 -19.79
CA VAL C 185 -11.43 -14.34 -19.69
C VAL C 185 -11.12 -13.15 -20.60
N ASP C 186 -11.99 -12.94 -21.59
CA ASP C 186 -11.80 -11.85 -22.57
C ASP C 186 -12.51 -10.56 -22.14
N GLY C 187 -13.04 -10.53 -20.92
CA GLY C 187 -13.68 -9.33 -20.42
C GLY C 187 -15.17 -9.16 -20.73
N THR C 188 -15.73 -10.01 -21.58
CA THR C 188 -17.18 -10.01 -21.84
C THR C 188 -17.88 -11.02 -20.88
N PRO C 189 -19.23 -11.03 -20.86
CA PRO C 189 -19.95 -11.94 -19.98
C PRO C 189 -19.79 -13.40 -20.37
N LEU C 190 -19.60 -14.28 -19.36
CA LEU C 190 -19.59 -15.72 -19.57
C LEU C 190 -20.90 -16.28 -19.05
N VAL C 191 -21.25 -15.87 -17.84
CA VAL C 191 -22.45 -16.33 -17.15
C VAL C 191 -23.22 -15.12 -16.63
N ASN C 192 -24.51 -15.12 -16.88
CA ASN C 192 -25.40 -14.06 -16.39
C ASN C 192 -26.72 -14.73 -16.22
N GLN C 193 -26.91 -15.26 -15.01
CA GLN C 193 -28.06 -16.09 -14.65
C GLN C 193 -28.82 -15.65 -13.43
N LEU C 194 -30.12 -15.91 -13.46
CA LEU C 194 -30.87 -15.85 -12.22
C LEU C 194 -30.97 -17.29 -11.68
N THR C 195 -30.53 -17.46 -10.44
CA THR C 195 -30.65 -18.77 -9.76
C THR C 195 -31.70 -18.68 -8.67
N LYS C 196 -32.25 -19.84 -8.36
CA LYS C 196 -33.22 -19.97 -7.26
C LYS C 196 -32.86 -21.18 -6.45
N THR C 197 -32.85 -20.97 -5.14
CA THR C 197 -32.44 -22.01 -4.16
C THR C 197 -33.38 -22.00 -2.98
N TYR C 198 -33.67 -23.21 -2.48
CA TYR C 198 -34.52 -23.36 -1.29
C TYR C 198 -33.78 -24.09 -0.16
N LEU C 199 -33.76 -23.42 0.98
CA LEU C 199 -33.17 -23.97 2.17
C LEU C 199 -34.04 -25.09 2.66
N THR C 200 -33.40 -26.12 3.22
CA THR C 200 -34.10 -27.31 3.62
C THR C 200 -33.74 -27.74 5.00
N ASP C 201 -34.54 -28.68 5.48
CA ASP C 201 -34.37 -29.26 6.79
C ASP C 201 -34.17 -28.18 7.87
N ILE C 202 -35.09 -27.22 7.90
CA ILE C 202 -35.01 -26.09 8.85
C ILE C 202 -35.75 -26.34 10.14
N THR C 203 -35.10 -25.96 11.24
CA THR C 203 -35.73 -25.89 12.57
C THR C 203 -35.50 -24.49 13.11
N VAL C 204 -36.58 -23.82 13.49
CA VAL C 204 -36.49 -22.54 14.17
C VAL C 204 -36.57 -22.92 15.63
N LYS C 205 -35.44 -22.73 16.30
CA LYS C 205 -35.25 -23.12 17.71
C LYS C 205 -35.75 -22.04 18.67
N GLY C 206 -35.87 -20.86 18.14
CA GLY C 206 -36.33 -19.73 18.94
C GLY C 206 -36.36 -18.47 18.11
N ALA C 207 -37.24 -17.58 18.54
CA ALA C 207 -37.47 -16.33 17.82
C ALA C 207 -38.06 -15.28 18.71
N TRP C 208 -37.60 -14.05 18.47
CA TRP C 208 -37.90 -12.90 19.29
C TRP C 208 -37.91 -11.58 18.53
N THR C 209 -38.56 -10.61 19.16
CA THR C 209 -38.57 -9.23 18.62
C THR C 209 -38.28 -8.24 19.75
N GLY C 210 -38.18 -6.98 19.41
CA GLY C 210 -37.81 -5.97 20.40
C GLY C 210 -37.53 -4.65 19.68
N PRO C 211 -37.22 -3.59 20.43
CA PRO C 211 -36.85 -2.36 19.76
C PRO C 211 -35.54 -2.54 19.05
N GLY C 212 -35.42 -1.83 17.94
CA GLY C 212 -34.22 -1.88 17.15
C GLY C 212 -33.81 -0.55 16.58
N SER C 213 -32.55 -0.54 16.13
CA SER C 213 -31.94 0.58 15.43
C SER C 213 -30.96 0.10 14.33
N LEU C 214 -30.82 0.96 13.34
CA LEU C 214 -29.83 0.79 12.25
C LEU C 214 -29.26 2.16 11.87
N GLU C 215 -27.95 2.14 11.68
CA GLU C 215 -27.19 3.26 11.15
C GLU C 215 -26.23 2.77 10.05
N LEU C 216 -26.20 3.49 8.93
CA LEU C 216 -25.33 3.17 7.82
C LEU C 216 -24.39 4.32 7.47
N HIS C 217 -23.22 3.96 6.97
CA HIS C 217 -22.22 4.94 6.60
C HIS C 217 -21.70 4.54 5.23
N PRO C 218 -21.28 5.53 4.43
CA PRO C 218 -20.90 5.26 3.05
C PRO C 218 -19.52 4.65 2.90
N HIS C 219 -19.30 4.03 1.76
CA HIS C 219 -18.00 3.45 1.39
C HIS C 219 -18.08 3.19 -0.13
N ALA C 220 -17.08 3.66 -0.85
CA ALA C 220 -17.06 3.64 -2.30
C ALA C 220 -17.24 2.24 -2.83
N LEU C 221 -16.77 1.26 -2.06
CA LEU C 221 -16.72 -0.16 -2.48
C LEU C 221 -17.67 -1.04 -1.70
N ALA C 222 -18.45 -0.40 -0.85
CA ALA C 222 -19.55 -1.09 -0.18
C ALA C 222 -20.68 -0.09 0.05
N PRO C 223 -21.36 0.32 -1.07
CA PRO C 223 -22.30 1.42 -1.06
C PRO C 223 -23.67 1.10 -0.46
N ILE C 224 -23.65 0.32 0.59
CA ILE C 224 -24.92 -0.10 1.23
C ILE C 224 -25.75 1.06 1.73
N SER C 225 -25.11 2.18 2.06
CA SER C 225 -25.80 3.38 2.55
C SER C 225 -26.65 4.09 1.48
N ASN C 226 -26.45 3.72 0.23
CA ASN C 226 -27.25 4.26 -0.88
C ASN C 226 -28.74 3.96 -0.66
N LEU C 227 -28.97 2.81 -0.02
CA LEU C 227 -30.33 2.37 0.29
C LEU C 227 -30.66 2.91 1.65
N TYR C 228 -31.00 4.19 1.65
CA TYR C 228 -31.21 5.00 2.87
C TYR C 228 -32.45 4.57 3.64
N ILE C 229 -32.43 4.81 4.93
CA ILE C 229 -33.47 4.32 5.83
C ILE C 229 -34.56 5.38 6.01
N LYS C 230 -35.76 5.13 5.51
CA LYS C 230 -36.90 6.04 5.76
C LYS C 230 -37.48 5.73 7.16
N LYS C 231 -37.61 4.45 7.47
CA LYS C 231 -38.01 4.07 8.81
C LYS C 231 -37.81 2.58 8.99
N ILE C 232 -37.75 2.13 10.25
CA ILE C 232 -37.62 0.69 10.53
C ILE C 232 -39.05 0.11 10.49
N VAL C 233 -39.25 -1.00 9.77
CA VAL C 233 -40.58 -1.60 9.74
C VAL C 233 -40.64 -2.90 10.55
N SER C 234 -39.51 -3.53 10.84
CA SER C 234 -39.50 -4.77 11.64
C SER C 234 -38.14 -5.14 12.22
N VAL C 235 -38.18 -5.80 13.38
CA VAL C 235 -36.99 -6.22 14.10
C VAL C 235 -37.12 -7.67 14.52
N SER C 236 -36.19 -8.51 14.09
CA SER C 236 -36.25 -9.97 14.38
C SER C 236 -34.90 -10.54 14.80
N HIS C 237 -34.97 -11.48 15.72
CA HIS C 237 -33.79 -12.29 16.12
C HIS C 237 -34.27 -13.72 16.14
N PHE C 238 -33.62 -14.63 15.45
CA PHE C 238 -34.00 -16.05 15.55
C PHE C 238 -32.83 -16.99 15.35
N ILE C 239 -32.95 -18.19 15.89
CA ILE C 239 -31.88 -19.12 15.80
C ILE C 239 -32.38 -20.40 15.20
N THR C 240 -31.57 -20.98 14.32
CA THR C 240 -32.01 -22.09 13.48
C THR C 240 -30.96 -23.19 13.31
N ASP C 241 -31.40 -24.38 12.94
CA ASP C 241 -30.48 -25.32 12.26
C ASP C 241 -31.08 -25.41 10.85
N LEU C 242 -30.24 -25.49 9.82
CA LEU C 242 -30.75 -25.63 8.47
C LEU C 242 -29.67 -26.13 7.52
N THR C 243 -30.11 -26.43 6.31
CA THR C 243 -29.25 -26.97 5.28
C THR C 243 -29.32 -26.08 4.05
N LEU C 244 -28.15 -25.78 3.47
CA LEU C 244 -28.05 -25.05 2.23
C LEU C 244 -27.74 -26.09 1.15
N PRO C 245 -28.73 -26.40 0.29
CA PRO C 245 -28.43 -27.33 -0.78
C PRO C 245 -28.16 -26.64 -2.12
N TYR C 246 -27.98 -27.44 -3.16
CA TYR C 246 -27.78 -26.88 -4.47
C TYR C 246 -29.11 -26.30 -4.95
N GLY C 247 -29.04 -25.46 -5.96
CA GLY C 247 -30.20 -24.84 -6.55
C GLY C 247 -30.31 -25.06 -8.03
N LYS C 248 -31.08 -24.18 -8.69
N LYS C 248 -30.99 -24.11 -8.69
CA LYS C 248 -31.35 -24.30 -10.14
CA LYS C 248 -31.31 -24.28 -10.11
C LYS C 248 -31.29 -22.95 -10.84
C LYS C 248 -31.29 -22.93 -10.84
N VAL C 249 -30.92 -22.97 -12.12
CA VAL C 249 -30.95 -21.77 -12.95
C VAL C 249 -32.38 -21.54 -13.40
N VAL C 250 -32.92 -20.36 -13.15
CA VAL C 250 -34.30 -20.05 -13.59
C VAL C 250 -34.39 -19.10 -14.80
N ALA C 251 -33.30 -18.39 -15.05
CA ALA C 251 -33.20 -17.52 -16.23
C ALA C 251 -31.73 -17.32 -16.63
N ASP C 252 -31.51 -17.31 -17.93
CA ASP C 252 -30.16 -17.14 -18.52
C ASP C 252 -30.30 -15.97 -19.49
N TYR C 253 -29.65 -14.86 -19.15
CA TYR C 253 -29.79 -13.63 -19.89
C TYR C 253 -28.81 -13.63 -21.02
N LEU C 254 -28.01 -14.67 -21.13
CA LEU C 254 -27.01 -14.71 -22.21
C LEU C 254 -27.54 -15.65 -23.30
N ALA C 255 -28.62 -16.35 -22.95
CA ALA C 255 -29.27 -17.32 -23.84
C ALA C 255 -30.02 -16.60 -24.91
N LEU D 6 31.12 18.64 21.73
CA LEU D 6 30.10 19.06 22.77
C LEU D 6 28.78 19.33 22.09
N SER D 7 28.47 20.60 21.88
CA SER D 7 27.25 20.92 21.12
C SER D 7 27.34 22.24 20.35
N ALA D 8 26.37 22.49 19.49
CA ALA D 8 26.37 23.69 18.68
C ALA D 8 25.23 23.73 17.71
N ASN D 9 24.86 24.98 17.38
N ASN D 9 24.83 24.97 17.40
CA ASN D 9 23.87 25.34 16.36
CA ASN D 9 23.81 25.30 16.38
C ASN D 9 24.61 26.16 15.33
C ASN D 9 24.54 26.18 15.36
N SER D 10 24.26 25.97 14.07
CA SER D 10 24.96 26.71 12.98
C SER D 10 24.58 28.16 12.99
N LEU D 11 23.51 28.50 13.71
CA LEU D 11 23.03 29.88 13.67
C LEU D 11 23.55 30.76 14.79
N GLU D 12 23.32 32.04 14.55
CA GLU D 12 23.75 33.18 15.37
C GLU D 12 24.33 34.31 14.48
N GLY D 13 23.50 35.05 13.73
CA GLY D 13 22.03 34.87 13.65
C GLY D 13 21.36 35.50 14.86
N VAL D 14 20.28 36.26 14.70
CA VAL D 14 19.52 36.46 13.45
C VAL D 14 20.22 37.09 12.25
N ILE D 15 21.26 36.42 11.77
CA ILE D 15 21.95 36.85 10.55
C ILE D 15 21.14 36.26 9.40
N ASP D 16 20.19 35.40 9.79
CA ASP D 16 19.27 34.73 8.85
C ASP D 16 17.94 35.46 8.79
N ASN D 17 17.91 36.45 7.91
CA ASN D 17 16.80 37.35 7.74
C ASN D 17 16.17 37.05 6.40
N GLU D 18 15.43 35.96 6.42
CA GLU D 18 14.86 35.35 5.22
C GLU D 18 13.91 36.26 4.48
N PHE D 19 13.24 37.17 5.18
CA PHE D 19 12.23 38.02 4.51
C PHE D 19 12.64 39.48 4.53
N SER D 20 13.89 39.70 4.84
CA SER D 20 14.52 41.00 4.74
C SER D 20 13.82 42.04 5.61
N PRO D 22 13.60 44.86 8.35
CA PRO D 22 14.48 45.87 8.92
C PRO D 22 14.90 45.50 10.36
N ALA D 23 13.95 44.97 11.11
CA ALA D 23 14.17 44.56 12.47
C ALA D 23 13.69 43.11 12.61
N PRO D 24 14.60 42.17 12.41
CA PRO D 24 14.23 40.76 12.41
C PRO D 24 14.00 40.14 13.75
N ARG D 25 13.15 39.13 13.69
CA ARG D 25 12.87 38.22 14.78
C ARG D 25 13.93 37.10 14.78
N TRP D 26 14.46 36.85 15.97
CA TRP D 26 15.55 35.90 16.19
C TRP D 26 15.13 34.47 15.96
N LEU D 27 13.94 34.10 16.41
CA LEU D 27 13.44 32.72 16.25
C LEU D 27 12.61 32.63 15.00
N ASN D 28 13.09 31.86 14.03
CA ASN D 28 12.39 31.71 12.74
C ASN D 28 11.43 30.55 12.80
N THR D 29 10.35 30.63 12.03
CA THR D 29 9.39 29.53 12.02
C THR D 29 9.33 28.85 10.68
N TYR D 30 9.70 29.54 9.62
CA TYR D 30 9.67 28.95 8.29
C TYR D 30 10.68 29.71 7.43
N PRO D 31 11.33 29.03 6.47
CA PRO D 31 12.22 29.75 5.60
C PRO D 31 11.46 30.34 4.44
N ALA D 32 12.19 31.10 3.65
CA ALA D 32 11.75 31.72 2.41
C ALA D 32 11.59 30.71 1.28
N GLY D 33 10.71 30.98 0.35
CA GLY D 33 10.56 30.10 -0.80
C GLY D 33 11.38 30.60 -2.00
N PRO D 34 11.04 30.11 -3.19
CA PRO D 34 9.93 29.19 -3.40
C PRO D 34 10.12 27.81 -2.81
N TYR D 35 9.03 27.08 -2.81
CA TYR D 35 8.96 25.77 -2.19
C TYR D 35 8.61 24.71 -3.21
N ARG D 36 9.41 23.68 -3.20
CA ARG D 36 9.33 22.57 -4.14
C ARG D 36 8.74 21.33 -3.48
N PHE D 37 7.79 20.74 -4.18
CA PHE D 37 7.07 19.55 -3.71
C PHE D 37 7.26 18.44 -4.65
N ILE D 38 7.69 17.31 -4.12
CA ILE D 38 7.81 16.13 -4.94
C ILE D 38 6.82 15.09 -4.41
N ASN D 39 6.11 14.42 -5.33
CA ASN D 39 5.06 13.39 -5.02
C ASN D 39 3.91 13.96 -4.18
N ARG D 40 3.60 15.21 -4.47
CA ARG D 40 2.45 15.90 -3.88
C ARG D 40 1.24 15.24 -4.52
N GLU D 41 0.52 14.53 -3.66
CA GLU D 41 -0.50 13.59 -4.06
C GLU D 41 -1.86 14.05 -3.61
N PHE D 42 -2.75 14.29 -4.58
CA PHE D 42 -4.11 14.82 -4.42
C PHE D 42 -5.21 13.75 -4.50
N PHE D 43 -6.13 13.79 -3.56
CA PHE D 43 -7.36 12.98 -3.57
C PHE D 43 -8.51 13.92 -3.34
N ILE D 44 -9.34 14.12 -4.35
CA ILE D 44 -10.38 15.14 -4.34
C ILE D 44 -11.74 14.58 -4.66
N ILE D 45 -12.68 14.81 -3.74
CA ILE D 45 -14.08 14.46 -4.01
C ILE D 45 -14.86 15.75 -4.09
N ALA D 46 -15.33 16.06 -5.28
CA ALA D 46 -16.11 17.27 -5.49
C ALA D 46 -17.58 16.95 -5.30
N TYR D 47 -18.28 17.82 -4.55
CA TYR D 47 -19.69 17.60 -4.27
C TYR D 47 -20.53 18.86 -4.36
N GLU D 48 -21.78 18.67 -4.76
N GLU D 48 -21.79 18.65 -4.71
CA GLU D 48 -22.73 19.77 -4.85
CA GLU D 48 -22.75 19.73 -4.84
C GLU D 48 -23.24 20.11 -3.46
C GLU D 48 -23.27 20.10 -3.46
N THR D 49 -23.41 21.40 -3.21
CA THR D 49 -23.90 21.87 -1.92
C THR D 49 -24.85 23.06 -2.14
N ASP D 50 -25.32 23.68 -1.07
CA ASP D 50 -26.18 24.87 -1.16
C ASP D 50 -25.39 26.09 -1.68
N PRO D 51 -25.75 26.59 -2.86
CA PRO D 51 -24.99 27.68 -3.45
C PRO D 51 -25.02 28.94 -2.61
N ASP D 52 -26.07 29.07 -1.80
CA ASP D 52 -26.23 30.27 -0.98
C ASP D 52 -25.24 30.30 0.16
N LEU D 53 -24.89 29.12 0.66
CA LEU D 53 -23.94 29.02 1.75
C LEU D 53 -22.61 29.52 1.23
N LEU D 54 -22.26 29.03 0.04
CA LEU D 54 -20.98 29.36 -0.61
C LEU D 54 -20.90 30.82 -0.98
N GLN D 55 -21.98 31.35 -1.51
CA GLN D 55 -22.00 32.75 -1.93
C GLN D 55 -21.74 33.64 -0.73
N ALA D 56 -22.36 33.30 0.39
CA ALA D 56 -22.24 34.09 1.61
C ALA D 56 -20.78 34.24 2.04
N ILE D 57 -19.98 33.23 1.72
CA ILE D 57 -18.59 33.14 2.21
C ILE D 57 -17.61 33.91 1.31
N LEU D 58 -18.00 34.09 0.04
CA LEU D 58 -17.09 34.69 -0.94
C LEU D 58 -16.85 36.18 -0.69
N PRO D 59 -15.61 36.64 -0.89
CA PRO D 59 -15.33 38.06 -0.76
C PRO D 59 -15.96 38.90 -1.86
N PRO D 60 -15.85 40.22 -1.75
CA PRO D 60 -16.44 41.07 -2.75
C PRO D 60 -15.90 40.86 -4.14
N ASP D 61 -16.86 40.80 -5.08
CA ASP D 61 -16.58 40.75 -6.51
C ASP D 61 -16.04 39.41 -6.93
N GLU D 63 -17.08 35.65 -7.88
CA GLU D 63 -18.27 34.93 -8.36
C GLU D 63 -18.06 33.42 -8.22
N LEU D 64 -19.12 32.72 -7.88
CA LEU D 64 -19.11 31.28 -7.72
C LEU D 64 -19.35 30.66 -9.07
N LEU D 65 -18.47 29.74 -9.48
CA LEU D 65 -18.60 29.07 -10.79
C LEU D 65 -19.70 28.01 -10.83
N GLU D 66 -19.80 27.27 -9.75
CA GLU D 66 -20.81 26.23 -9.63
C GLU D 66 -20.92 25.93 -8.16
N PRO D 67 -22.08 25.41 -7.72
CA PRO D 67 -22.38 25.16 -6.33
C PRO D 67 -21.69 23.87 -5.87
N VAL D 68 -20.37 23.91 -6.00
CA VAL D 68 -19.52 22.76 -5.73
C VAL D 68 -18.37 23.11 -4.77
N VAL D 69 -18.09 22.14 -3.91
CA VAL D 69 -16.98 22.14 -2.99
C VAL D 69 -16.07 20.99 -3.41
N LYS D 70 -14.81 21.29 -3.58
CA LYS D 70 -13.81 20.28 -3.81
C LYS D 70 -13.18 19.92 -2.50
N PHE D 71 -13.52 18.74 -1.99
CA PHE D 71 -12.93 18.26 -0.73
C PHE D 71 -11.68 17.50 -1.05
N GLU D 72 -10.60 17.94 -0.43
CA GLU D 72 -9.29 17.39 -0.75
C GLU D 72 -8.52 16.85 0.43
N PHE D 73 -7.77 15.81 0.11
CA PHE D 73 -6.66 15.27 0.93
C PHE D 73 -5.40 15.37 0.08
N ILE D 74 -4.36 15.97 0.63
CA ILE D 74 -3.10 16.13 -0.08
C ILE D 74 -1.94 15.65 0.79
N ARG D 75 -1.17 14.72 0.23
CA ARG D 75 -0.04 14.14 0.90
C ARG D 75 1.18 14.83 0.36
N PRO D 77 4.95 14.46 1.04
CA PRO D 77 5.99 13.72 1.76
C PRO D 77 7.39 14.31 1.64
N ASP D 78 7.54 15.23 0.71
CA ASP D 78 8.84 15.79 0.35
C ASP D 78 8.65 17.24 -0.09
N SER D 79 8.62 18.16 0.87
CA SER D 79 8.39 19.60 0.63
C SER D 79 9.57 20.42 1.14
N THR D 80 10.28 21.05 0.20
CA THR D 80 11.42 21.88 0.62
C THR D 80 10.96 22.96 1.62
N GLY D 81 11.74 23.12 2.69
CA GLY D 81 11.48 24.11 3.68
C GLY D 81 10.41 23.70 4.71
N PHE D 82 9.38 22.99 4.29
CA PHE D 82 8.23 22.69 5.16
C PHE D 82 8.20 21.24 5.68
N GLY D 83 8.85 20.32 4.98
CA GLY D 83 8.91 18.94 5.42
C GLY D 83 7.98 17.91 4.79
N ASP D 84 7.52 17.05 5.68
CA ASP D 84 6.72 15.87 5.43
C ASP D 84 5.42 15.96 6.25
N TYR D 85 4.35 16.15 5.52
CA TYR D 85 3.04 16.46 6.11
C TYR D 85 1.88 16.16 5.17
N THR D 86 0.69 16.23 5.75
CA THR D 86 -0.57 15.95 5.08
C THR D 86 -1.56 17.09 5.35
N GLU D 87 -2.41 17.31 4.35
CA GLU D 87 -3.40 18.39 4.34
C GLU D 87 -4.76 17.82 3.97
N SER D 88 -5.79 18.46 4.54
CA SER D 88 -7.16 18.27 4.06
C SER D 88 -7.87 19.64 4.08
N GLY D 89 -8.70 19.84 3.10
CA GLY D 89 -9.49 21.07 3.04
C GLY D 89 -10.59 21.09 1.99
N GLN D 90 -11.20 22.26 1.92
CA GLN D 90 -12.28 22.55 0.98
C GLN D 90 -11.93 23.75 0.10
N VAL D 91 -12.14 23.62 -1.19
CA VAL D 91 -11.86 24.64 -2.19
C VAL D 91 -13.09 24.81 -3.09
N VAL D 92 -13.41 26.05 -3.41
CA VAL D 92 -14.58 26.39 -4.19
C VAL D 92 -14.12 26.93 -5.58
N PRO D 93 -14.76 26.47 -6.67
CA PRO D 93 -14.43 27.03 -7.98
C PRO D 93 -15.02 28.41 -8.13
N VAL D 94 -14.22 29.36 -8.56
CA VAL D 94 -14.64 30.75 -8.62
C VAL D 94 -14.13 31.51 -9.84
N ARG D 95 -14.75 32.66 -10.03
CA ARG D 95 -14.32 33.60 -11.04
C ARG D 95 -14.07 34.95 -10.37
N TYR D 96 -12.89 35.50 -10.64
CA TYR D 96 -12.49 36.78 -10.08
C TYR D 96 -11.83 37.61 -11.15
N LYS D 97 -12.47 38.74 -11.44
CA LYS D 97 -11.98 39.64 -12.47
C LYS D 97 -11.70 38.88 -13.77
N GLY D 98 -12.69 38.07 -14.16
CA GLY D 98 -12.72 37.40 -15.45
C GLY D 98 -11.83 36.19 -15.57
N GLU D 99 -11.29 35.78 -14.43
CA GLU D 99 -10.35 34.66 -14.35
C GLU D 99 -10.87 33.60 -13.43
N GLU D 100 -10.86 32.37 -13.89
CA GLU D 100 -11.30 31.25 -13.08
C GLU D 100 -10.18 30.63 -12.29
N GLY D 101 -10.49 30.35 -11.04
CA GLY D 101 -9.58 29.64 -10.17
C GLY D 101 -10.26 29.02 -8.96
N GLY D 102 -9.49 28.92 -7.89
CA GLY D 102 -10.01 28.30 -6.69
C GLY D 102 -9.88 29.18 -5.48
N PHE D 103 -10.89 29.13 -4.64
CA PHE D 103 -10.85 29.85 -3.38
C PHE D 103 -10.90 28.87 -2.23
N THR D 104 -9.82 28.84 -1.44
CA THR D 104 -9.69 27.87 -0.35
C THR D 104 -10.41 28.42 0.87
N ILE D 105 -11.38 27.64 1.36
CA ILE D 105 -12.21 28.05 2.51
C ILE D 105 -11.85 27.31 3.79
N SER D 106 -11.21 26.17 3.65
CA SER D 106 -10.76 25.48 4.86
C SER D 106 -9.56 24.63 4.55
N PHE D 108 -6.46 22.07 6.75
CA PHE D 108 -5.97 21.45 8.00
C PHE D 108 -4.69 20.68 7.73
N LEU D 109 -3.64 20.98 8.51
CA LEU D 109 -2.32 20.36 8.30
C LEU D 109 -1.85 19.81 9.62
N ASP D 110 -0.90 18.86 9.55
CA ASP D 110 -0.34 18.24 10.75
C ASP D 110 1.08 18.68 11.03
N CYS D 111 1.46 19.80 10.45
CA CYS D 111 2.82 20.35 10.63
C CYS D 111 2.69 21.87 10.71
N HIS D 112 3.26 22.46 11.76
CA HIS D 112 3.11 23.88 12.00
C HIS D 112 3.89 24.81 11.04
N ALA D 113 5.10 24.42 10.61
CA ALA D 113 5.85 25.31 9.73
C ALA D 113 5.01 25.75 8.54
N PRO D 114 4.38 24.81 7.78
CA PRO D 114 3.52 25.19 6.62
C PRO D 114 2.21 25.89 7.05
N ILE D 115 1.80 25.70 8.29
CA ILE D 115 0.62 26.40 8.83
C ILE D 115 0.93 27.89 8.96
N ALA D 116 2.02 28.19 9.66
CA ALA D 116 2.39 29.58 9.92
C ALA D 116 2.79 30.25 8.62
N GLY D 117 3.59 29.57 7.82
CA GLY D 117 4.02 30.12 6.54
C GLY D 117 2.85 30.31 5.58
N GLY D 118 1.99 29.30 5.55
CA GLY D 118 0.74 29.34 4.76
C GLY D 118 -0.14 30.54 5.13
N ARG D 119 -0.38 30.71 6.42
CA ARG D 119 -1.23 31.79 6.88
C ARG D 119 -0.60 33.18 6.66
N GLU D 120 0.69 33.27 6.94
CA GLU D 120 1.37 34.58 7.05
C GLU D 120 1.91 35.07 5.73
N ILE D 121 2.17 34.15 4.83
CA ILE D 121 2.64 34.58 3.49
C ILE D 121 1.46 34.77 2.56
N TRP D 122 0.79 33.69 2.17
CA TRP D 122 -0.29 33.78 1.15
C TRP D 122 -1.66 34.07 1.71
N GLY D 123 -1.92 33.61 2.93
CA GLY D 123 -3.22 33.74 3.53
C GLY D 123 -4.07 32.48 3.52
N PHE D 124 -3.44 31.30 3.40
CA PHE D 124 -4.18 30.04 3.52
C PHE D 124 -4.84 29.94 4.89
N PRO D 125 -6.13 29.54 4.91
CA PRO D 125 -6.87 29.44 6.20
C PRO D 125 -6.59 28.13 6.93
N LYS D 127 -5.42 25.43 9.87
CA LYS D 127 -5.50 25.07 11.27
C LYS D 127 -4.74 23.74 11.45
N LEU D 128 -4.37 23.44 12.68
CA LEU D 128 -3.68 22.19 12.98
C LEU D 128 -4.71 21.09 13.19
N ALA D 129 -4.45 19.94 12.59
CA ALA D 129 -5.29 18.78 12.80
C ALA D 129 -4.54 17.55 12.35
N LYS D 130 -5.24 16.44 12.22
CA LYS D 130 -4.59 15.17 11.87
C LYS D 130 -5.19 14.51 10.65
N PRO D 131 -4.91 15.07 9.46
CA PRO D 131 -5.35 14.40 8.25
C PRO D 131 -4.40 13.29 7.86
N LYS D 132 -4.97 12.25 7.25
CA LYS D 132 -4.24 11.08 6.82
C LYS D 132 -4.78 10.58 5.49
N LEU D 133 -3.86 10.26 4.58
CA LEU D 133 -4.16 9.66 3.28
C LEU D 133 -3.41 8.34 3.19
N PHE D 134 -4.12 7.26 2.94
CA PHE D 134 -3.47 5.92 2.87
C PHE D 134 -4.30 4.94 2.07
N VAL D 135 -3.65 3.87 1.64
CA VAL D 135 -4.32 2.79 0.92
C VAL D 135 -4.52 1.64 1.86
N GLU D 136 -5.73 1.07 1.85
CA GLU D 136 -5.96 -0.19 2.52
C GLU D 136 -6.63 -1.12 1.55
N GLU D 137 -5.86 -2.14 1.22
CA GLU D 137 -6.18 -3.11 0.19
C GLU D 137 -6.49 -2.42 -1.13
N ASP D 138 -7.79 -2.49 -1.43
CA ASP D 138 -8.48 -2.07 -2.66
C ASP D 138 -8.95 -0.60 -2.63
N THR D 139 -8.74 0.08 -1.51
CA THR D 139 -9.39 1.38 -1.25
C THR D 139 -8.41 2.46 -0.87
N LEU D 140 -8.57 3.65 -1.46
CA LEU D 140 -7.79 4.83 -1.04
C LEU D 140 -8.64 5.55 -0.01
N ILE D 141 -8.02 5.82 1.13
CA ILE D 141 -8.72 6.48 2.26
C ILE D 141 -8.11 7.78 2.75
N GLY D 142 -9.01 8.70 2.99
CA GLY D 142 -8.66 9.97 3.62
C GLY D 142 -9.51 10.12 4.88
N ILE D 143 -8.80 10.31 6.00
CA ILE D 143 -9.46 10.63 7.27
C ILE D 143 -8.90 11.93 7.83
N LEU D 144 -9.80 12.85 8.17
CA LEU D 144 -9.46 14.11 8.85
C LEU D 144 -9.96 14.04 10.26
N LYS D 145 -9.02 13.99 11.20
CA LYS D 145 -9.33 13.94 12.61
C LYS D 145 -8.96 15.29 13.20
N TYR D 146 -9.89 15.83 13.97
CA TYR D 146 -9.71 17.12 14.66
C TYR D 146 -9.86 16.86 16.15
N GLY D 147 -8.74 16.85 16.82
CA GLY D 147 -8.74 16.36 18.16
C GLY D 147 -9.07 14.88 18.16
N SER D 148 -10.10 14.55 18.91
CA SER D 148 -10.62 13.21 19.09
C SER D 148 -11.67 12.87 18.09
N ILE D 149 -12.05 13.84 17.25
CA ILE D 149 -13.22 13.70 16.38
C ILE D 149 -12.92 13.56 14.89
N ASP D 150 -13.40 12.48 14.29
CA ASP D 150 -13.29 12.31 12.84
C ASP D 150 -14.33 13.15 12.14
N ILE D 151 -13.88 14.23 11.51
CA ILE D 151 -14.80 15.20 10.92
C ILE D 151 -15.00 14.98 9.40
N ALA D 152 -14.09 14.20 8.81
CA ALA D 152 -14.24 13.81 7.40
C ALA D 152 -13.59 12.46 7.12
N ILE D 153 -14.32 11.65 6.35
CA ILE D 153 -13.90 10.33 5.87
C ILE D 153 -14.19 10.27 4.37
N ALA D 154 -13.16 10.09 3.54
CA ALA D 154 -13.32 9.96 2.11
C ALA D 154 -12.75 8.60 1.69
N THR D 155 -13.40 7.96 0.73
CA THR D 155 -12.90 6.67 0.19
C THR D 155 -13.04 6.64 -1.31
N GLY D 157 -12.30 3.84 -4.86
CA GLY D 157 -11.76 2.62 -5.43
C GLY D 157 -10.43 2.97 -6.07
N TYR D 158 -9.42 2.20 -5.70
CA TYR D 158 -8.05 2.52 -6.08
C TYR D 158 -7.72 2.50 -7.58
N LYS D 159 -7.49 3.70 -8.14
CA LYS D 159 -7.02 3.84 -9.52
C LYS D 159 -7.87 2.97 -10.45
N HIS D 160 -9.18 3.05 -10.30
CA HIS D 160 -10.07 2.20 -11.13
C HIS D 160 -10.00 2.52 -12.61
N ARG D 161 -9.89 3.79 -12.97
CA ARG D 161 -9.83 4.24 -14.37
C ARG D 161 -8.82 5.35 -14.53
N PRO D 162 -8.22 5.46 -15.71
CA PRO D 162 -7.34 6.62 -15.97
C PRO D 162 -8.10 7.91 -16.11
N LEU D 163 -7.44 8.98 -15.73
CA LEU D 163 -7.99 10.33 -15.85
C LEU D 163 -7.06 11.14 -16.79
N ASP D 164 -7.63 11.95 -17.68
CA ASP D 164 -6.82 12.78 -18.58
C ASP D 164 -5.91 13.74 -17.79
N ALA D 165 -4.60 13.51 -17.89
CA ALA D 165 -3.62 14.24 -17.10
C ALA D 165 -3.42 15.69 -17.60
N GLU D 166 -3.78 15.96 -18.84
CA GLU D 166 -3.61 17.32 -19.36
C GLU D 166 -4.75 18.20 -18.80
N LYS D 167 -5.90 17.58 -18.61
CA LYS D 167 -7.00 18.29 -17.97
C LYS D 167 -6.67 18.57 -16.51
N VAL D 168 -6.03 17.60 -15.84
CA VAL D 168 -5.63 17.78 -14.46
C VAL D 168 -4.59 18.90 -14.38
N LEU D 169 -3.66 18.85 -15.30
CA LEU D 169 -2.62 19.87 -15.32
C LEU D 169 -3.23 21.28 -15.47
N GLU D 170 -4.25 21.38 -16.32
CA GLU D 170 -4.85 22.67 -16.60
C GLU D 170 -5.53 23.18 -15.36
N SER D 171 -6.00 22.24 -14.55
CA SER D 171 -6.69 22.59 -13.32
C SER D 171 -5.72 23.04 -12.24
N VAL D 172 -4.58 22.36 -12.16
CA VAL D 172 -3.59 22.68 -11.15
C VAL D 172 -2.98 24.07 -11.43
N LYS D 173 -3.02 24.47 -12.70
CA LYS D 173 -2.43 25.74 -13.16
C LYS D 173 -3.29 26.94 -12.87
N LYS D 174 -4.53 26.68 -12.53
CA LYS D 174 -5.46 27.77 -12.18
C LYS D 174 -5.04 28.54 -10.93
N PRO D 175 -5.26 29.87 -10.93
CA PRO D 175 -4.89 30.71 -9.75
C PRO D 175 -5.55 30.28 -8.47
N VAL D 176 -4.76 30.43 -7.41
CA VAL D 176 -5.16 30.20 -6.04
C VAL D 176 -5.46 31.54 -5.41
N PHE D 177 -6.73 31.74 -5.07
CA PHE D 177 -7.19 32.96 -4.38
C PHE D 177 -7.39 32.69 -2.91
N LEU D 178 -7.01 33.68 -2.10
CA LEU D 178 -7.00 33.56 -0.65
C LEU D 178 -7.28 34.87 0.00
N LEU D 179 -8.03 34.83 1.10
CA LEU D 179 -8.24 36.01 1.97
C LEU D 179 -7.17 35.96 3.06
N LYS D 180 -6.24 36.92 2.98
CA LYS D 180 -5.23 37.08 4.02
C LYS D 180 -5.68 38.15 5.04
N ASN D 181 -6.03 37.67 6.23
CA ASN D 181 -6.67 38.46 7.26
C ASN D 181 -5.86 38.45 8.55
N ILE D 182 -5.37 39.59 8.97
CA ILE D 182 -4.58 39.66 10.17
C ILE D 182 -5.02 40.79 11.04
N PRO D 183 -5.29 40.48 12.32
CA PRO D 183 -5.68 41.59 13.18
C PRO D 183 -4.52 42.46 13.57
N ASN D 184 -4.89 43.64 14.02
CA ASN D 184 -3.96 44.56 14.63
C ASN D 184 -3.88 44.19 16.06
N VAL D 185 -2.84 44.63 16.71
CA VAL D 185 -2.65 44.31 18.14
C VAL D 185 -3.70 44.96 18.98
N ASP D 186 -4.40 45.97 18.44
CA ASP D 186 -5.48 46.63 19.23
C ASP D 186 -6.86 46.00 18.97
N GLY D 187 -6.86 44.90 18.23
CA GLY D 187 -8.07 44.10 18.02
C GLY D 187 -8.94 44.41 16.81
N THR D 188 -8.54 45.46 16.08
CA THR D 188 -9.21 45.89 14.85
C THR D 188 -8.39 45.32 13.70
N PRO D 189 -8.91 45.41 12.45
CA PRO D 189 -8.20 44.79 11.30
C PRO D 189 -6.89 45.48 10.95
N LEU D 190 -5.86 44.70 10.63
CA LEU D 190 -4.58 45.26 10.16
C LEU D 190 -4.37 45.00 8.65
N VAL D 191 -4.61 43.75 8.29
CA VAL D 191 -4.55 43.26 6.95
C VAL D 191 -5.86 42.50 6.63
N ASN D 192 -6.43 42.85 5.45
CA ASN D 192 -7.59 42.17 4.86
C ASN D 192 -7.44 42.26 3.35
N GLN D 193 -6.71 41.29 2.81
CA GLN D 193 -6.34 41.26 1.42
C GLN D 193 -6.86 40.02 0.73
N LEU D 194 -7.12 40.17 -0.57
CA LEU D 194 -7.25 39.05 -1.49
C LEU D 194 -5.87 38.90 -2.22
N THR D 195 -5.27 37.72 -2.08
CA THR D 195 -4.00 37.39 -2.79
C THR D 195 -4.29 36.39 -3.87
N LYS D 196 -3.41 36.37 -4.84
CA LYS D 196 -3.52 35.45 -5.96
C LYS D 196 -2.15 34.88 -6.27
N THR D 197 -2.09 33.56 -6.38
CA THR D 197 -0.82 32.87 -6.57
C THR D 197 -0.99 31.76 -7.58
N TYR D 198 0.04 31.57 -8.39
CA TYR D 198 0.06 30.56 -9.45
C TYR D 198 1.12 29.53 -9.13
N LEU D 199 0.72 28.28 -9.05
CA LEU D 199 1.64 27.16 -8.91
C LEU D 199 2.44 27.04 -10.19
N THR D 200 3.70 26.68 -10.07
CA THR D 200 4.54 26.58 -11.21
C THR D 200 5.29 25.28 -11.34
N ASP D 201 5.91 25.10 -12.50
CA ASP D 201 6.78 23.96 -12.76
C ASP D 201 6.10 22.65 -12.35
N ILE D 202 4.88 22.52 -12.85
CA ILE D 202 4.01 21.40 -12.56
C ILE D 202 4.16 20.23 -13.51
N THR D 203 4.34 19.06 -12.93
CA THR D 203 4.25 17.81 -13.66
C THR D 203 3.23 16.91 -13.01
N VAL D 204 2.24 16.54 -13.80
CA VAL D 204 1.24 15.51 -13.44
C VAL D 204 1.79 14.14 -13.89
N LYS D 205 2.19 13.36 -12.90
CA LYS D 205 2.90 12.12 -13.09
C LYS D 205 1.92 11.00 -13.24
N GLY D 206 0.72 11.20 -12.75
CA GLY D 206 -0.36 10.24 -12.97
C GLY D 206 -1.67 10.75 -12.44
N ALA D 207 -2.73 10.16 -12.96
CA ALA D 207 -4.08 10.61 -12.64
C ALA D 207 -5.13 9.54 -12.91
N TRP D 208 -6.05 9.44 -11.96
CA TRP D 208 -7.04 8.38 -11.95
C TRP D 208 -8.35 8.82 -11.33
N THR D 209 -9.39 8.08 -11.72
CA THR D 209 -10.72 8.25 -11.16
C THR D 209 -11.28 6.88 -10.75
N GLY D 210 -12.45 6.90 -10.12
CA GLY D 210 -13.10 5.68 -9.63
C GLY D 210 -14.31 6.03 -8.81
N PRO D 211 -15.03 5.02 -8.28
CA PRO D 211 -16.15 5.25 -7.36
C PRO D 211 -15.61 5.92 -6.10
N GLY D 212 -16.42 6.80 -5.52
CA GLY D 212 -16.02 7.50 -4.31
C GLY D 212 -17.13 7.76 -3.29
N SER D 213 -16.71 8.07 -2.08
CA SER D 213 -17.63 8.44 -1.00
C SER D 213 -17.02 9.53 -0.09
N LEU D 214 -17.91 10.23 0.58
CA LEU D 214 -17.49 11.20 1.56
C LEU D 214 -18.56 11.29 2.63
N GLU D 215 -18.08 11.46 3.85
CA GLU D 215 -18.90 11.66 5.06
C GLU D 215 -18.29 12.75 5.90
N LEU D 216 -19.16 13.66 6.38
CA LEU D 216 -18.70 14.77 7.18
C LEU D 216 -19.38 14.72 8.56
N HIS D 217 -18.65 15.20 9.57
CA HIS D 217 -19.16 15.28 10.95
C HIS D 217 -18.90 16.66 11.53
N PRO D 218 -19.83 17.16 12.35
CA PRO D 218 -19.69 18.53 12.89
C PRO D 218 -18.66 18.68 13.96
N HIS D 219 -18.12 19.88 14.01
CA HIS D 219 -17.18 20.31 15.05
C HIS D 219 -17.27 21.82 15.20
N ALA D 220 -17.39 22.29 16.42
CA ALA D 220 -17.58 23.73 16.71
C ALA D 220 -16.46 24.61 16.14
N LEU D 221 -15.27 24.04 16.07
CA LEU D 221 -14.08 24.77 15.66
C LEU D 221 -13.56 24.30 14.29
N ALA D 222 -14.32 23.42 13.65
CA ALA D 222 -13.93 22.95 12.31
C ALA D 222 -15.25 22.58 11.62
N PRO D 223 -16.08 23.61 11.38
CA PRO D 223 -17.46 23.36 10.94
C PRO D 223 -17.62 23.03 9.46
N ILE D 224 -16.74 22.20 8.95
CA ILE D 224 -16.77 21.83 7.55
C ILE D 224 -18.11 21.20 7.07
N SER D 225 -18.78 20.53 8.00
CA SER D 225 -20.05 19.83 7.75
C SER D 225 -21.25 20.74 7.46
N ASN D 226 -21.04 22.04 7.65
CA ASN D 226 -22.02 23.07 7.32
C ASN D 226 -22.26 23.06 5.81
N LEU D 227 -21.22 22.71 5.07
CA LEU D 227 -21.23 22.64 3.59
C LEU D 227 -21.60 21.20 3.25
N TYR D 228 -22.89 20.96 3.47
CA TYR D 228 -23.47 19.63 3.37
C TYR D 228 -23.45 19.08 1.94
N ILE D 229 -23.42 17.77 1.85
CA ILE D 229 -23.29 17.09 0.57
C ILE D 229 -24.67 16.80 0.00
N LYS D 230 -24.95 17.31 -1.20
CA LYS D 230 -26.17 16.95 -1.91
C LYS D 230 -25.89 15.71 -2.75
N LYS D 231 -24.75 15.73 -3.43
CA LYS D 231 -24.33 14.62 -4.28
C LYS D 231 -22.87 14.79 -4.67
N ILE D 232 -22.23 13.65 -4.96
CA ILE D 232 -20.84 13.65 -5.39
C ILE D 232 -20.85 13.85 -6.87
N VAL D 233 -20.00 14.77 -7.35
CA VAL D 233 -19.96 15.09 -8.78
C VAL D 233 -18.68 14.62 -9.46
N SER D 234 -17.62 14.44 -8.69
CA SER D 234 -16.37 13.97 -9.27
C SER D 234 -15.47 13.40 -8.20
N VAL D 235 -14.64 12.47 -8.66
CA VAL D 235 -13.63 11.78 -7.84
C VAL D 235 -12.31 11.72 -8.60
N SER D 236 -11.24 12.22 -8.00
CA SER D 236 -9.94 12.29 -8.61
C SER D 236 -8.81 11.94 -7.66
N HIS D 237 -7.81 11.31 -8.26
CA HIS D 237 -6.58 11.00 -7.61
C HIS D 237 -5.46 11.28 -8.60
N PHE D 238 -4.49 12.07 -8.17
CA PHE D 238 -3.35 12.37 -9.02
C PHE D 238 -2.12 12.73 -8.19
N ILE D 239 -0.98 12.49 -8.83
CA ILE D 239 0.30 12.71 -8.21
C ILE D 239 1.11 13.68 -9.07
N THR D 240 1.82 14.58 -8.41
CA THR D 240 2.50 15.66 -9.10
C THR D 240 3.83 16.00 -8.45
N ASP D 241 4.67 16.68 -9.23
CA ASP D 241 5.78 17.50 -8.73
C ASP D 241 5.35 18.94 -9.11
N LEU D 242 5.51 19.88 -8.20
CA LEU D 242 5.23 21.28 -8.48
C LEU D 242 5.88 22.22 -7.50
N THR D 243 5.80 23.48 -7.83
CA THR D 243 6.43 24.55 -7.05
C THR D 243 5.41 25.57 -6.62
N LEU D 244 5.53 25.94 -5.35
CA LEU D 244 4.69 26.97 -4.71
C LEU D 244 5.55 28.21 -4.56
N PRO D 245 5.31 29.24 -5.40
CA PRO D 245 6.11 30.44 -5.32
C PRO D 245 5.35 31.54 -4.61
N TYR D 246 5.94 32.73 -4.64
CA TYR D 246 5.29 33.90 -4.08
C TYR D 246 4.17 34.32 -5.01
N GLY D 247 3.23 35.10 -4.47
CA GLY D 247 2.11 35.62 -5.23
C GLY D 247 1.97 37.13 -5.10
N LYS D 248 0.75 37.60 -5.36
CA LYS D 248 0.47 39.04 -5.32
C LYS D 248 -0.84 39.38 -4.63
N VAL D 249 -0.91 40.59 -4.11
CA VAL D 249 -2.12 41.14 -3.54
C VAL D 249 -2.99 41.66 -4.69
N VAL D 250 -4.24 41.21 -4.80
CA VAL D 250 -5.12 41.67 -5.89
C VAL D 250 -6.33 42.50 -5.40
N ALA D 251 -6.49 42.60 -4.09
CA ALA D 251 -7.51 43.48 -3.51
C ALA D 251 -7.11 43.80 -2.07
N ASP D 252 -7.40 45.01 -1.63
CA ASP D 252 -7.13 45.38 -0.25
C ASP D 252 -8.44 45.93 0.29
N TYR D 253 -9.10 45.16 1.14
CA TYR D 253 -10.44 45.53 1.63
C TYR D 253 -10.42 46.61 2.68
N LEU D 254 -9.22 47.05 3.05
CA LEU D 254 -9.03 48.08 4.07
C LEU D 254 -8.74 49.40 3.42
N ALA D 255 -8.57 49.36 2.10
CA ALA D 255 -8.38 50.56 1.30
C ALA D 255 -9.77 51.16 1.15
#